data_3OKR
#
_entry.id   3OKR
#
_cell.length_a   56.081
_cell.length_b   60.268
_cell.length_c   74.512
_cell.angle_alpha   104.18
_cell.angle_beta   110.52
_cell.angle_gamma   88.68
#
_symmetry.space_group_name_H-M   'P 1'
#
loop_
_entity.id
_entity.type
_entity.pdbx_description
1 polymer '2-C-methyl-D-erythritol 4-phosphate cytidylyltransferase'
2 polymer 'Heptamer peptide'
3 water water
#
loop_
_entity_poly.entity_id
_entity_poly.type
_entity_poly.pdbx_seq_one_letter_code
_entity_poly.pdbx_strand_id
1 'polypeptide(L)'
;MVREAGEVVAIVPAAGSGERLAVGVPKAFYQLDGQTLIERAVDGLLDSGVVDTVVVAVPADRTDEARQILGHRAMIVAGG
SNRTDTVNLALTVLSGTAEPEFVLVHDAARALTPPALVARVVEALRDGYAAVVPVLPLSDTIKAVDANGVVLGTPERAGL
RAVQTPQGFTTDLLLRSYQRGSLDLPAAEYTDDASLVEHIGGQVQVVDGDPLAFKITTKLDLLLAQAIVRG
;
A,B,C,D
2 'polypeptide(L)' (UNK)(UNK)(UNK)(UNK)(UNK)(UNK)(UNK) F
#
# COMPACT_ATOMS: atom_id res chain seq x y z
N GLY A 6 -40.01 5.84 -24.74
CA GLY A 6 -39.67 6.34 -23.42
C GLY A 6 -38.17 6.46 -23.19
N GLU A 7 -37.71 7.68 -22.93
CA GLU A 7 -36.28 7.95 -22.74
C GLU A 7 -35.66 7.22 -21.56
N VAL A 8 -34.35 6.97 -21.68
CA VAL A 8 -33.56 6.41 -20.59
C VAL A 8 -32.49 7.41 -20.19
N VAL A 9 -32.48 7.76 -18.92
CA VAL A 9 -31.54 8.72 -18.39
C VAL A 9 -30.66 8.02 -17.39
N ALA A 10 -29.45 8.55 -17.21
CA ALA A 10 -28.53 7.96 -16.26
C ALA A 10 -27.93 9.07 -15.41
N ILE A 11 -27.87 8.84 -14.11
CA ILE A 11 -27.31 9.78 -13.17
C ILE A 11 -26.02 9.23 -12.62
N VAL A 12 -24.98 10.05 -12.61
CA VAL A 12 -23.70 9.68 -12.01
C VAL A 12 -23.43 10.59 -10.81
N PRO A 13 -23.93 10.17 -9.63
CA PRO A 13 -23.70 10.89 -8.37
C PRO A 13 -22.24 10.82 -7.94
N ALA A 14 -21.52 11.93 -8.03
CA ALA A 14 -20.10 11.93 -7.67
C ALA A 14 -19.75 13.16 -6.83
N ALA A 15 -20.38 13.26 -5.66
CA ALA A 15 -20.18 14.42 -4.83
C ALA A 15 -20.19 14.10 -3.33
N PRO A 26 -10.43 11.02 -4.58
CA PRO A 26 -11.52 11.67 -5.30
C PRO A 26 -11.76 10.95 -6.61
N LYS A 27 -12.55 9.87 -6.54
CA LYS A 27 -12.70 8.91 -7.64
C LYS A 27 -13.00 9.54 -9.00
N ALA A 28 -13.96 10.46 -9.04
CA ALA A 28 -14.42 11.02 -10.29
C ALA A 28 -13.26 11.45 -11.18
N PHE A 29 -12.40 12.32 -10.63
CA PHE A 29 -11.40 12.93 -11.46
C PHE A 29 -10.09 12.14 -11.53
N TYR A 30 -9.98 11.04 -10.80
CA TYR A 30 -8.76 10.24 -10.90
C TYR A 30 -8.53 9.78 -12.33
N GLN A 31 -7.30 9.95 -12.80
CA GLN A 31 -6.99 9.70 -14.20
C GLN A 31 -6.43 8.32 -14.42
N LEU A 32 -7.29 7.39 -14.81
CA LEU A 32 -6.86 6.04 -15.15
C LEU A 32 -6.26 6.03 -16.54
N ASP A 33 -4.94 5.91 -16.59
CA ASP A 33 -4.14 6.13 -17.81
C ASP A 33 -4.84 6.89 -18.94
N GLY A 34 -5.02 8.19 -18.77
CA GLY A 34 -5.39 9.02 -19.88
C GLY A 34 -6.81 9.53 -19.85
N GLN A 35 -7.66 8.85 -19.10
CA GLN A 35 -9.02 9.35 -18.92
C GLN A 35 -9.40 9.25 -17.47
N THR A 36 -10.05 10.28 -16.98
CA THR A 36 -10.60 10.22 -15.65
C THR A 36 -11.67 9.12 -15.64
N LEU A 37 -11.92 8.57 -14.46
CA LEU A 37 -12.94 7.54 -14.29
C LEU A 37 -14.33 8.05 -14.67
N ILE A 38 -14.59 9.33 -14.45
CA ILE A 38 -15.88 9.90 -14.82
C ILE A 38 -16.12 9.84 -16.31
N GLU A 39 -15.08 10.05 -17.09
CA GLU A 39 -15.21 9.99 -18.53
C GLU A 39 -15.40 8.56 -19.01
N ARG A 40 -14.69 7.63 -18.38
CA ARG A 40 -14.88 6.23 -18.71
C ARG A 40 -16.29 5.76 -18.32
N ALA A 41 -16.71 6.12 -17.10
CA ALA A 41 -18.04 5.76 -16.62
C ALA A 41 -19.09 6.33 -17.57
N VAL A 42 -18.95 7.59 -17.92
CA VAL A 42 -19.86 8.19 -18.90
C VAL A 42 -19.85 7.50 -20.28
N ASP A 43 -18.68 7.13 -20.79
CA ASP A 43 -18.61 6.46 -22.09
C ASP A 43 -19.31 5.10 -22.07
N GLY A 44 -19.05 4.31 -21.04
CA GLY A 44 -19.66 3.01 -20.91
C GLY A 44 -21.18 3.11 -20.98
N LEU A 45 -21.74 4.11 -20.30
CA LEU A 45 -23.18 4.33 -20.34
C LEU A 45 -23.63 4.67 -21.75
N LEU A 46 -22.82 5.45 -22.45
CA LEU A 46 -23.19 5.89 -23.79
C LEU A 46 -23.08 4.75 -24.81
N ASP A 47 -22.06 3.90 -24.66
CA ASP A 47 -21.76 2.89 -25.66
C ASP A 47 -22.77 1.77 -25.66
N SER A 48 -23.43 1.60 -24.51
CA SER A 48 -24.52 0.64 -24.39
C SER A 48 -25.53 0.79 -25.52
N GLY A 49 -25.69 2.02 -26.01
CA GLY A 49 -26.63 2.33 -27.08
C GLY A 49 -28.06 2.56 -26.61
N VAL A 50 -28.31 2.41 -25.32
CA VAL A 50 -29.68 2.55 -24.82
C VAL A 50 -29.82 3.61 -23.73
N VAL A 51 -28.78 4.40 -23.53
CA VAL A 51 -28.87 5.54 -22.64
C VAL A 51 -28.91 6.83 -23.47
N ASP A 52 -29.95 7.62 -23.27
CA ASP A 52 -30.16 8.83 -24.06
C ASP A 52 -29.58 10.06 -23.39
N THR A 53 -29.57 10.07 -22.07
CA THR A 53 -29.04 11.22 -21.38
C THR A 53 -28.28 10.82 -20.14
N VAL A 54 -27.21 11.57 -19.87
CA VAL A 54 -26.40 11.34 -18.70
C VAL A 54 -26.31 12.65 -17.95
N VAL A 55 -26.58 12.60 -16.66
CA VAL A 55 -26.38 13.74 -15.79
C VAL A 55 -25.27 13.33 -14.85
N VAL A 56 -24.21 14.11 -14.84
CA VAL A 56 -23.14 13.90 -13.88
C VAL A 56 -23.24 14.97 -12.79
N ALA A 57 -23.33 14.54 -11.55
CA ALA A 57 -23.31 15.48 -10.43
C ALA A 57 -21.95 15.47 -9.78
N VAL A 58 -21.34 16.64 -9.68
CA VAL A 58 -20.03 16.80 -9.08
C VAL A 58 -20.15 17.99 -8.13
N PRO A 59 -19.17 18.14 -7.22
CA PRO A 59 -19.16 19.31 -6.32
C PRO A 59 -19.17 20.58 -7.14
N ALA A 60 -19.74 21.64 -6.61
CA ALA A 60 -19.78 22.91 -7.33
C ALA A 60 -18.37 23.40 -7.68
N ASP A 61 -17.42 23.19 -6.77
CA ASP A 61 -16.02 23.56 -7.01
C ASP A 61 -15.51 22.97 -8.34
N ARG A 62 -16.00 21.78 -8.68
CA ARG A 62 -15.48 21.05 -9.83
C ARG A 62 -16.44 21.06 -11.01
N THR A 63 -17.58 21.72 -10.85
CA THR A 63 -18.58 21.78 -11.91
C THR A 63 -18.02 22.19 -13.28
N ASP A 64 -17.17 23.23 -13.29
CA ASP A 64 -16.66 23.82 -14.52
C ASP A 64 -15.67 22.91 -15.26
N GLU A 65 -14.71 22.40 -14.50
CA GLU A 65 -13.74 21.43 -14.99
C GLU A 65 -14.36 20.14 -15.55
N ALA A 66 -15.44 19.67 -14.93
CA ALA A 66 -16.08 18.45 -15.37
C ALA A 66 -16.75 18.67 -16.72
N ARG A 67 -17.12 19.91 -16.99
CA ARG A 67 -17.76 20.26 -18.24
C ARG A 67 -16.73 20.19 -19.36
N GLN A 68 -15.54 20.69 -19.06
CA GLN A 68 -14.46 20.78 -20.04
C GLN A 68 -14.09 19.37 -20.49
N ILE A 69 -14.12 18.46 -19.54
CA ILE A 69 -13.83 17.06 -19.82
C ILE A 69 -14.91 16.40 -20.67
N LEU A 70 -16.17 16.56 -20.28
CA LEU A 70 -17.22 15.70 -20.80
C LEU A 70 -17.99 16.26 -22.00
N GLY A 71 -17.94 17.57 -22.21
CA GLY A 71 -18.66 18.21 -23.30
C GLY A 71 -20.11 17.75 -23.57
N HIS A 72 -20.45 17.58 -24.85
CA HIS A 72 -21.80 17.18 -25.24
C HIS A 72 -22.25 15.87 -24.59
N ARG A 73 -21.31 15.13 -24.02
CA ARG A 73 -21.60 13.80 -23.48
C ARG A 73 -22.46 13.76 -22.23
N ALA A 74 -22.44 14.81 -21.44
CA ALA A 74 -23.21 14.81 -20.20
C ALA A 74 -23.50 16.22 -19.78
N MET A 75 -24.74 16.48 -19.42
CA MET A 75 -25.02 17.74 -18.77
C MET A 75 -24.56 17.60 -17.33
N ILE A 76 -23.89 18.62 -16.81
CA ILE A 76 -23.34 18.56 -15.47
C ILE A 76 -24.23 19.32 -14.49
N VAL A 77 -24.39 18.77 -13.30
CA VAL A 77 -25.04 19.49 -12.20
C VAL A 77 -24.15 19.51 -10.97
N ALA A 78 -24.37 20.49 -10.10
CA ALA A 78 -23.60 20.62 -8.86
C ALA A 78 -24.11 19.64 -7.79
N GLY A 79 -23.21 19.19 -6.93
CA GLY A 79 -23.50 18.12 -5.98
C GLY A 79 -24.29 18.48 -4.74
N GLY A 80 -24.02 17.76 -3.64
CA GLY A 80 -24.61 18.02 -2.34
C GLY A 80 -23.73 17.46 -1.22
N SER A 81 -24.27 17.37 -0.01
CA SER A 81 -23.51 16.87 1.14
C SER A 81 -23.11 15.41 0.96
N ASN A 82 -24.07 14.51 1.16
CA ASN A 82 -23.85 13.11 0.90
C ASN A 82 -24.29 12.78 -0.52
N ARG A 83 -24.54 11.49 -0.78
CA ARG A 83 -24.97 11.04 -2.10
C ARG A 83 -26.46 11.31 -2.32
N THR A 84 -27.31 10.64 -1.54
CA THR A 84 -28.75 10.81 -1.66
C THR A 84 -29.12 12.26 -1.89
N ASP A 85 -28.48 13.16 -1.15
CA ASP A 85 -28.75 14.59 -1.25
C ASP A 85 -28.69 15.09 -2.70
N THR A 86 -27.58 14.81 -3.39
CA THR A 86 -27.41 15.22 -4.78
C THR A 86 -28.41 14.55 -5.71
N VAL A 87 -28.60 13.25 -5.54
CA VAL A 87 -29.47 12.50 -6.45
C VAL A 87 -30.82 13.18 -6.59
N ASN A 88 -31.35 13.69 -5.48
CA ASN A 88 -32.57 14.46 -5.53
C ASN A 88 -32.39 15.66 -6.46
N LEU A 89 -31.34 16.43 -6.23
CA LEU A 89 -31.04 17.57 -7.09
C LEU A 89 -30.94 17.14 -8.56
N ALA A 90 -30.05 16.19 -8.84
CA ALA A 90 -29.86 15.70 -10.21
C ALA A 90 -31.20 15.31 -10.79
N LEU A 91 -31.92 14.50 -10.01
CA LEU A 91 -33.29 14.12 -10.30
C LEU A 91 -34.11 15.35 -10.65
N THR A 92 -34.14 16.28 -9.70
CA THR A 92 -34.91 17.51 -9.85
C THR A 92 -34.70 18.17 -11.22
N VAL A 93 -33.47 18.11 -11.72
CA VAL A 93 -33.18 18.69 -13.02
C VAL A 93 -33.76 17.81 -14.13
N LEU A 94 -34.47 18.45 -15.08
CA LEU A 94 -35.10 17.80 -16.22
C LEU A 94 -36.34 18.58 -16.72
N SER A 95 -37.37 18.73 -15.89
CA SER A 95 -37.40 18.23 -14.51
C SER A 95 -37.96 16.81 -14.42
N GLU A 99 -38.22 14.46 -18.92
CA GLU A 99 -39.46 13.72 -18.71
C GLU A 99 -39.30 12.19 -18.82
N PRO A 100 -38.16 11.64 -18.35
CA PRO A 100 -37.78 10.27 -18.70
C PRO A 100 -38.71 9.22 -18.14
N GLU A 101 -38.58 8.00 -18.64
CA GLU A 101 -39.37 6.89 -18.14
C GLU A 101 -38.56 6.05 -17.18
N PHE A 102 -37.31 5.78 -17.55
CA PHE A 102 -36.38 5.05 -16.71
C PHE A 102 -35.19 5.91 -16.24
N VAL A 103 -34.83 5.76 -14.99
CA VAL A 103 -33.61 6.34 -14.47
C VAL A 103 -32.63 5.27 -14.03
N LEU A 104 -31.40 5.36 -14.54
CA LEU A 104 -30.27 4.61 -14.01
C LEU A 104 -29.42 5.51 -13.12
N VAL A 105 -28.93 4.92 -12.04
CA VAL A 105 -27.93 5.55 -11.21
C VAL A 105 -26.68 4.69 -11.30
N HIS A 106 -25.56 5.33 -11.57
CA HIS A 106 -24.33 4.60 -11.80
C HIS A 106 -23.17 5.16 -10.95
N ASP A 107 -22.28 4.27 -10.52
CA ASP A 107 -21.12 4.70 -9.74
C ASP A 107 -19.92 4.93 -10.64
N ALA A 108 -19.42 6.17 -10.65
CA ALA A 108 -18.25 6.52 -11.45
C ALA A 108 -17.01 5.75 -11.04
N ALA A 109 -17.02 5.15 -9.85
CA ALA A 109 -15.88 4.33 -9.49
C ALA A 109 -15.88 3.04 -10.31
N ARG A 110 -17.03 2.67 -10.88
CA ARG A 110 -17.09 1.49 -11.78
C ARG A 110 -16.75 1.87 -13.23
N ALA A 111 -15.57 2.46 -13.41
CA ALA A 111 -15.20 2.98 -14.73
C ALA A 111 -15.12 1.92 -15.86
N LEU A 112 -14.80 0.67 -15.53
CA LEU A 112 -14.64 -0.38 -16.55
C LEU A 112 -15.87 -1.30 -16.73
N THR A 113 -17.05 -0.83 -16.33
CA THR A 113 -18.30 -1.51 -16.62
C THR A 113 -18.49 -1.71 -18.14
N PRO A 114 -18.78 -2.96 -18.58
CA PRO A 114 -19.06 -3.19 -20.00
C PRO A 114 -20.41 -2.60 -20.42
N PRO A 115 -20.49 -2.02 -21.62
CA PRO A 115 -21.77 -1.55 -22.16
C PRO A 115 -22.87 -2.60 -22.11
N ALA A 116 -22.55 -3.84 -22.41
CA ALA A 116 -23.56 -4.90 -22.37
C ALA A 116 -24.31 -4.96 -21.03
N LEU A 117 -23.57 -4.88 -19.93
CA LEU A 117 -24.17 -5.00 -18.59
C LEU A 117 -25.27 -3.94 -18.41
N VAL A 118 -24.98 -2.74 -18.91
CA VAL A 118 -25.92 -1.65 -18.90
C VAL A 118 -27.14 -1.91 -19.80
N ALA A 119 -26.88 -2.47 -20.99
CA ALA A 119 -27.95 -2.90 -21.90
C ALA A 119 -28.81 -3.98 -21.23
N ARG A 120 -28.16 -4.86 -20.51
CA ARG A 120 -28.86 -5.93 -19.82
C ARG A 120 -29.78 -5.29 -18.76
N VAL A 121 -29.34 -4.21 -18.15
CA VAL A 121 -30.14 -3.53 -17.12
C VAL A 121 -31.28 -2.77 -17.77
N VAL A 122 -30.95 -2.01 -18.80
CA VAL A 122 -31.99 -1.34 -19.55
C VAL A 122 -33.04 -2.30 -20.14
N GLU A 123 -32.61 -3.49 -20.55
CA GLU A 123 -33.50 -4.47 -21.17
C GLU A 123 -34.56 -4.95 -20.18
N ALA A 124 -34.12 -5.22 -18.96
CA ALA A 124 -35.00 -5.71 -17.90
C ALA A 124 -36.08 -4.70 -17.58
N LEU A 125 -35.70 -3.42 -17.59
CA LEU A 125 -36.65 -2.34 -17.33
C LEU A 125 -37.76 -2.33 -18.38
N ARG A 126 -37.37 -2.53 -19.63
CA ARG A 126 -38.32 -2.49 -20.74
C ARG A 126 -39.23 -3.69 -20.68
N ASP A 127 -38.83 -4.68 -19.89
CA ASP A 127 -39.60 -5.92 -19.78
C ASP A 127 -40.57 -5.91 -18.62
N GLY A 128 -40.79 -4.74 -18.02
CA GLY A 128 -41.78 -4.62 -16.97
C GLY A 128 -41.26 -4.40 -15.56
N TYR A 129 -40.12 -5.00 -15.21
CA TYR A 129 -39.54 -4.84 -13.88
C TYR A 129 -39.30 -3.38 -13.59
N ALA A 130 -39.79 -2.91 -12.45
CA ALA A 130 -39.68 -1.49 -12.15
C ALA A 130 -38.34 -1.14 -11.52
N ALA A 131 -37.67 -2.14 -10.95
CA ALA A 131 -36.38 -1.92 -10.31
C ALA A 131 -35.38 -3.06 -10.56
N VAL A 132 -34.32 -2.76 -11.31
CA VAL A 132 -33.30 -3.76 -11.65
C VAL A 132 -31.91 -3.44 -11.05
N VAL A 133 -31.20 -4.48 -10.62
CA VAL A 133 -29.80 -4.34 -10.21
C VAL A 133 -28.94 -5.49 -10.75
N PRO A 134 -27.71 -5.16 -11.20
CA PRO A 134 -26.81 -6.21 -11.64
C PRO A 134 -26.12 -6.79 -10.44
N VAL A 135 -25.80 -8.07 -10.51
CA VAL A 135 -25.28 -8.72 -9.33
C VAL A 135 -24.39 -9.91 -9.73
N LEU A 136 -23.65 -10.43 -8.76
CA LEU A 136 -22.61 -11.40 -9.01
C LEU A 136 -22.52 -12.34 -7.84
N PRO A 137 -22.17 -13.61 -8.09
CA PRO A 137 -21.82 -14.51 -7.01
C PRO A 137 -20.50 -14.06 -6.39
N LEU A 138 -20.17 -14.60 -5.22
CA LEU A 138 -19.10 -14.06 -4.40
C LEU A 138 -17.92 -15.02 -4.32
N SER A 139 -16.71 -14.51 -4.60
CA SER A 139 -15.51 -15.37 -4.65
C SER A 139 -15.22 -16.00 -3.30
N ASP A 140 -15.15 -15.16 -2.27
CA ASP A 140 -14.97 -15.65 -0.92
C ASP A 140 -16.27 -16.09 -0.22
N THR A 141 -16.14 -17.02 0.72
CA THR A 141 -17.22 -17.31 1.67
C THR A 141 -17.55 -16.07 2.49
N ILE A 142 -18.84 -15.75 2.57
CA ILE A 142 -19.30 -14.70 3.47
C ILE A 142 -19.69 -15.27 4.82
N LYS A 143 -19.27 -14.60 5.88
CA LYS A 143 -19.69 -14.99 7.20
C LYS A 143 -20.27 -13.78 7.95
N ALA A 144 -21.16 -14.05 8.90
CA ALA A 144 -21.67 -13.02 9.80
C ALA A 144 -20.80 -12.98 11.03
N VAL A 145 -20.36 -11.78 11.37
CA VAL A 145 -19.40 -11.61 12.45
C VAL A 145 -19.91 -10.53 13.36
N ASP A 146 -19.89 -10.80 14.67
CA ASP A 146 -20.37 -9.82 15.63
C ASP A 146 -19.28 -8.79 15.93
N ALA A 147 -19.58 -7.84 16.82
CA ALA A 147 -18.68 -6.73 17.10
C ALA A 147 -17.34 -7.13 17.73
N ASN A 148 -17.29 -8.33 18.31
CA ASN A 148 -16.05 -8.81 18.92
C ASN A 148 -15.17 -9.70 18.03
N GLY A 149 -15.61 -9.96 16.80
CA GLY A 149 -14.83 -10.78 15.89
C GLY A 149 -15.14 -12.25 16.05
N VAL A 150 -16.24 -12.55 16.76
CA VAL A 150 -16.73 -13.90 16.82
C VAL A 150 -17.74 -14.16 15.71
N VAL A 151 -17.38 -15.10 14.83
CA VAL A 151 -18.28 -15.59 13.80
C VAL A 151 -19.65 -16.01 14.34
N LEU A 152 -20.70 -15.43 13.78
CA LEU A 152 -22.05 -15.81 14.16
C LEU A 152 -22.49 -16.96 13.28
N GLY A 153 -22.10 -16.91 12.01
CA GLY A 153 -22.38 -18.03 11.12
C GLY A 153 -22.11 -17.79 9.65
N THR A 154 -22.25 -18.88 8.88
CA THR A 154 -22.07 -18.83 7.44
C THR A 154 -23.41 -18.95 6.70
N PRO A 155 -24.00 -17.80 6.31
CA PRO A 155 -25.28 -17.79 5.60
C PRO A 155 -25.15 -18.30 4.17
N GLU A 156 -24.75 -19.57 4.07
CA GLU A 156 -24.67 -20.29 2.81
C GLU A 156 -26.00 -21.03 2.63
N ARG A 157 -26.97 -20.34 2.04
CA ARG A 157 -28.31 -20.86 1.81
C ARG A 157 -29.18 -19.65 1.53
N ALA A 158 -28.63 -18.48 1.81
CA ALA A 158 -29.35 -17.22 1.68
C ALA A 158 -29.23 -16.61 0.27
N GLY A 159 -28.52 -17.27 -0.63
CA GLY A 159 -28.36 -16.74 -1.98
C GLY A 159 -27.72 -15.35 -1.97
N LEU A 160 -26.67 -15.17 -1.17
CA LEU A 160 -26.00 -13.88 -1.12
C LEU A 160 -25.41 -13.52 -2.50
N ARG A 161 -25.33 -12.22 -2.77
CA ARG A 161 -24.95 -11.70 -4.06
C ARG A 161 -24.26 -10.37 -3.88
N ALA A 162 -23.24 -10.12 -4.69
CA ALA A 162 -22.59 -8.83 -4.70
C ALA A 162 -23.25 -7.97 -5.76
N VAL A 163 -23.87 -6.89 -5.29
CA VAL A 163 -24.55 -5.89 -6.13
C VAL A 163 -23.56 -4.93 -6.85
N GLN A 164 -23.88 -4.57 -8.09
CA GLN A 164 -23.09 -3.58 -8.84
C GLN A 164 -23.95 -2.39 -9.25
N THR A 165 -23.46 -1.58 -10.19
CA THR A 165 -24.27 -0.54 -10.85
C THR A 165 -23.94 -0.64 -12.34
N PRO A 166 -24.79 -0.05 -13.21
CA PRO A 166 -25.94 0.83 -12.95
C PRO A 166 -27.17 0.11 -12.41
N GLN A 167 -27.79 0.73 -11.42
CA GLN A 167 -29.08 0.29 -10.91
C GLN A 167 -30.11 1.10 -11.64
N GLY A 168 -31.21 0.45 -12.03
CA GLY A 168 -32.21 1.08 -12.88
C GLY A 168 -33.61 1.06 -12.32
N PHE A 169 -34.34 2.16 -12.52
CA PHE A 169 -35.70 2.24 -11.99
C PHE A 169 -36.62 2.95 -12.97
N THR A 170 -37.93 2.81 -12.77
CA THR A 170 -38.83 3.78 -13.36
C THR A 170 -38.64 5.06 -12.58
N THR A 171 -38.61 6.17 -13.29
CA THR A 171 -38.43 7.45 -12.64
C THR A 171 -39.49 7.58 -11.56
N ASP A 172 -40.73 7.22 -11.89
CA ASP A 172 -41.82 7.31 -10.94
C ASP A 172 -41.49 6.56 -9.64
N LEU A 173 -40.91 5.38 -9.78
CA LEU A 173 -40.53 4.59 -8.61
C LEU A 173 -39.31 5.17 -7.89
N LEU A 174 -38.28 5.58 -8.62
CA LEU A 174 -37.13 6.17 -7.96
C LEU A 174 -37.52 7.46 -7.21
N LEU A 175 -38.53 8.15 -7.71
CA LEU A 175 -38.99 9.41 -7.11
C LEU A 175 -39.70 9.18 -5.79
N ARG A 176 -40.61 8.21 -5.78
CA ARG A 176 -41.33 7.89 -4.56
C ARG A 176 -40.33 7.48 -3.49
N SER A 177 -39.27 6.81 -3.91
CA SER A 177 -38.26 6.29 -2.97
C SER A 177 -37.60 7.41 -2.18
N TYR A 178 -37.33 8.52 -2.87
CA TYR A 178 -36.72 9.70 -2.25
C TYR A 178 -37.74 10.57 -1.52
N GLN A 179 -38.76 9.92 -0.96
CA GLN A 179 -39.74 10.58 -0.11
C GLN A 179 -39.64 10.07 1.33
N TYR A 190 -27.30 3.05 1.65
CA TYR A 190 -26.97 4.42 2.01
C TYR A 190 -26.20 5.04 0.86
N THR A 191 -25.51 4.18 0.14
CA THR A 191 -25.03 4.45 -1.21
C THR A 191 -25.75 3.45 -2.15
N ASP A 192 -26.59 2.58 -1.58
CA ASP A 192 -27.34 1.61 -2.38
C ASP A 192 -28.76 2.07 -2.68
N ASP A 193 -28.97 2.59 -3.88
CA ASP A 193 -30.25 3.16 -4.28
C ASP A 193 -31.41 2.21 -4.07
N ALA A 194 -31.22 0.99 -4.56
CA ALA A 194 -32.27 -0.02 -4.53
C ALA A 194 -32.80 -0.29 -3.12
N SER A 195 -31.98 -0.03 -2.10
CA SER A 195 -32.41 -0.19 -0.71
C SER A 195 -33.70 0.57 -0.40
N LEU A 196 -33.76 1.83 -0.79
CA LEU A 196 -34.94 2.66 -0.58
C LEU A 196 -36.17 2.08 -1.26
N VAL A 197 -35.97 1.51 -2.44
CA VAL A 197 -37.07 0.94 -3.19
C VAL A 197 -37.62 -0.27 -2.44
N GLU A 198 -36.72 -1.03 -1.85
CA GLU A 198 -37.11 -2.12 -0.96
C GLU A 198 -37.71 -1.54 0.30
N HIS A 199 -37.34 -0.31 0.60
CA HIS A 199 -37.74 0.34 1.83
C HIS A 199 -39.14 0.92 1.73
N ILE A 200 -39.57 1.29 0.52
CA ILE A 200 -40.94 1.74 0.33
C ILE A 200 -41.87 0.58 -0.04
N GLY A 201 -41.32 -0.63 -0.08
CA GLY A 201 -42.09 -1.81 -0.39
C GLY A 201 -41.89 -2.36 -1.80
N GLY A 202 -41.20 -1.60 -2.64
CA GLY A 202 -40.99 -1.99 -4.03
C GLY A 202 -40.08 -3.20 -4.23
N GLN A 203 -40.42 -4.03 -5.22
CA GLN A 203 -39.68 -5.28 -5.46
C GLN A 203 -38.59 -5.14 -6.52
N VAL A 204 -37.37 -5.57 -6.21
CA VAL A 204 -36.30 -5.42 -7.20
C VAL A 204 -35.80 -6.74 -7.78
N GLN A 205 -35.67 -6.74 -9.09
CA GLN A 205 -35.23 -7.91 -9.84
C GLN A 205 -33.77 -7.78 -10.22
N VAL A 206 -33.12 -8.92 -10.37
CA VAL A 206 -31.71 -8.97 -10.61
C VAL A 206 -31.35 -9.46 -12.04
N VAL A 207 -30.28 -8.92 -12.60
CA VAL A 207 -29.64 -9.47 -13.80
C VAL A 207 -28.19 -9.76 -13.48
N ASP A 208 -27.52 -10.47 -14.39
CA ASP A 208 -26.12 -10.79 -14.19
C ASP A 208 -25.30 -9.53 -14.33
N GLY A 209 -24.34 -9.36 -13.43
CA GLY A 209 -23.36 -8.31 -13.57
C GLY A 209 -22.19 -8.77 -14.41
N ASP A 210 -21.01 -8.36 -13.99
CA ASP A 210 -19.77 -8.62 -14.70
C ASP A 210 -18.65 -8.08 -13.81
N PRO A 211 -17.67 -8.93 -13.51
CA PRO A 211 -16.50 -8.64 -12.67
C PRO A 211 -15.72 -7.41 -13.16
N LEU A 212 -15.87 -7.07 -14.44
CA LEU A 212 -15.27 -5.89 -15.03
C LEU A 212 -15.91 -4.63 -14.45
N ALA A 213 -17.11 -4.80 -13.92
CA ALA A 213 -17.84 -3.69 -13.32
C ALA A 213 -17.40 -3.38 -11.87
N PHE A 214 -16.29 -3.95 -11.42
CA PHE A 214 -15.84 -3.76 -10.05
C PHE A 214 -15.61 -2.27 -9.71
N LYS A 215 -15.71 -1.99 -8.42
CA LYS A 215 -15.54 -0.66 -7.86
C LYS A 215 -14.05 -0.38 -7.61
N ILE A 216 -13.51 0.56 -8.36
CA ILE A 216 -12.10 0.94 -8.20
C ILE A 216 -11.86 1.77 -6.94
N THR A 217 -11.32 1.12 -5.91
CA THR A 217 -11.19 1.77 -4.62
C THR A 217 -9.79 1.64 -4.06
N THR A 218 -9.43 0.41 -3.71
CA THR A 218 -8.13 0.08 -3.16
C THR A 218 -7.04 0.24 -4.20
N LYS A 219 -5.81 0.29 -3.73
CA LYS A 219 -4.63 0.36 -4.59
C LYS A 219 -4.61 -0.84 -5.52
N LEU A 220 -5.06 -1.98 -5.01
CA LEU A 220 -5.11 -3.21 -5.79
C LEU A 220 -6.06 -3.08 -6.97
N ASP A 221 -7.19 -2.41 -6.77
CA ASP A 221 -8.14 -2.18 -7.86
C ASP A 221 -7.48 -1.32 -8.92
N LEU A 222 -6.79 -0.28 -8.47
CA LEU A 222 -6.06 0.60 -9.38
C LEU A 222 -5.16 -0.22 -10.28
N LEU A 223 -4.49 -1.20 -9.69
CA LEU A 223 -3.58 -2.05 -10.42
C LEU A 223 -4.35 -2.96 -11.36
N LEU A 224 -5.42 -3.54 -10.85
CA LEU A 224 -6.33 -4.33 -11.65
C LEU A 224 -6.83 -3.47 -12.79
N ALA A 225 -7.18 -2.23 -12.49
CA ALA A 225 -7.77 -1.39 -13.52
C ALA A 225 -6.74 -1.17 -14.61
N GLN A 226 -5.55 -0.70 -14.22
CA GLN A 226 -4.44 -0.59 -15.15
C GLN A 226 -4.23 -1.84 -15.99
N ALA A 227 -3.94 -2.96 -15.34
CA ALA A 227 -3.72 -4.20 -16.08
C ALA A 227 -4.74 -4.37 -17.21
N ILE A 228 -6.01 -4.11 -16.90
CA ILE A 228 -7.08 -4.31 -17.88
C ILE A 228 -7.05 -3.26 -18.98
N VAL A 229 -7.06 -2.01 -18.56
CA VAL A 229 -7.30 -0.91 -19.47
C VAL A 229 -6.19 -0.83 -20.49
N ARG A 230 -5.06 -1.48 -20.20
CA ARG A 230 -3.91 -1.42 -21.09
C ARG A 230 -3.49 -2.83 -21.51
N GLY A 231 -4.43 -3.76 -21.48
CA GLY A 231 -4.14 -5.15 -21.83
C GLY A 231 -4.15 -5.39 -23.32
N GLU B 7 3.75 -27.12 17.79
CA GLU B 7 4.15 -27.27 16.38
C GLU B 7 3.01 -26.84 15.46
N VAL B 8 3.34 -26.44 14.23
CA VAL B 8 2.32 -25.93 13.31
C VAL B 8 2.43 -26.55 11.92
N VAL B 9 1.36 -27.18 11.46
CA VAL B 9 1.37 -27.80 10.15
C VAL B 9 0.26 -27.26 9.25
N ALA B 10 0.62 -26.90 8.01
CA ALA B 10 -0.35 -26.45 7.05
C ALA B 10 -0.66 -27.53 6.02
N ILE B 11 -1.94 -27.68 5.70
CA ILE B 11 -2.38 -28.58 4.67
C ILE B 11 -2.85 -27.77 3.48
N VAL B 12 -2.19 -27.98 2.35
CA VAL B 12 -2.63 -27.36 1.11
C VAL B 12 -3.26 -28.46 0.28
N PRO B 13 -4.59 -28.51 0.24
CA PRO B 13 -5.23 -29.54 -0.57
C PRO B 13 -5.21 -29.12 -2.03
N ALA B 14 -5.01 -30.05 -2.95
CA ALA B 14 -4.96 -29.68 -4.37
C ALA B 14 -6.31 -29.23 -4.94
N ALA B 15 -7.38 -29.47 -4.21
CA ALA B 15 -8.71 -29.02 -4.65
C ALA B 15 -9.29 -27.97 -3.72
N PRO B 26 -6.54 -29.01 -10.19
CA PRO B 26 -6.18 -28.46 -11.51
C PRO B 26 -5.74 -27.00 -11.41
N LYS B 27 -6.66 -26.12 -11.06
CA LYS B 27 -6.37 -24.69 -10.92
C LYS B 27 -5.06 -24.48 -10.15
N ALA B 28 -5.00 -25.04 -8.95
CA ALA B 28 -3.76 -25.11 -8.19
C ALA B 28 -2.88 -26.13 -8.89
N PHE B 29 -1.91 -25.65 -9.66
CA PHE B 29 -1.15 -26.46 -10.64
C PHE B 29 -1.04 -25.77 -11.99
N TYR B 30 -1.82 -24.73 -12.18
CA TYR B 30 -1.62 -23.86 -13.32
C TYR B 30 -0.42 -22.94 -13.02
N GLN B 31 0.16 -22.44 -14.10
CA GLN B 31 1.45 -21.77 -14.09
C GLN B 31 1.31 -20.28 -13.82
N LEU B 32 2.27 -19.72 -13.08
CA LEU B 32 2.32 -18.30 -12.83
C LEU B 32 3.76 -17.82 -12.65
N ASP B 33 4.32 -17.24 -13.70
CA ASP B 33 5.69 -16.74 -13.73
C ASP B 33 6.71 -17.77 -13.23
N GLY B 34 6.68 -18.95 -13.82
CA GLY B 34 7.67 -19.97 -13.51
C GLY B 34 7.43 -20.76 -12.24
N GLN B 35 6.17 -20.80 -11.79
CA GLN B 35 5.79 -21.58 -10.63
C GLN B 35 4.29 -21.84 -10.67
N THR B 36 3.88 -23.07 -10.36
CA THR B 36 2.46 -23.37 -10.20
C THR B 36 1.96 -22.62 -8.99
N LEU B 37 0.67 -22.30 -9.00
CA LEU B 37 0.06 -21.62 -7.86
C LEU B 37 0.30 -22.36 -6.53
N ILE B 38 0.20 -23.68 -6.55
CA ILE B 38 0.34 -24.42 -5.31
C ILE B 38 1.78 -24.37 -4.75
N GLU B 39 2.77 -24.28 -5.64
CA GLU B 39 4.14 -24.02 -5.23
C GLU B 39 4.26 -22.69 -4.51
N ARG B 40 3.60 -21.66 -5.05
CA ARG B 40 3.63 -20.33 -4.44
C ARG B 40 2.93 -20.30 -3.10
N ALA B 41 1.78 -20.97 -3.00
CA ALA B 41 1.02 -21.00 -1.75
C ALA B 41 1.87 -21.69 -0.69
N VAL B 42 2.47 -22.81 -1.06
CA VAL B 42 3.36 -23.53 -0.16
C VAL B 42 4.55 -22.68 0.27
N ASP B 43 5.15 -21.93 -0.65
CA ASP B 43 6.23 -21.02 -0.26
C ASP B 43 5.76 -19.91 0.67
N GLY B 44 4.62 -19.29 0.37
CA GLY B 44 4.08 -18.24 1.20
C GLY B 44 3.91 -18.78 2.61
N LEU B 45 3.63 -20.07 2.70
CA LEU B 45 3.50 -20.70 3.99
C LEU B 45 4.86 -20.85 4.66
N LEU B 46 5.81 -21.45 3.96
CA LEU B 46 7.09 -21.76 4.59
C LEU B 46 7.79 -20.49 5.03
N ASP B 47 7.62 -19.45 4.23
CA ASP B 47 8.34 -18.21 4.45
C ASP B 47 7.68 -17.38 5.53
N SER B 48 6.44 -17.71 5.89
CA SER B 48 5.79 -17.05 7.01
C SER B 48 6.71 -17.12 8.23
N GLY B 49 7.48 -18.20 8.32
CA GLY B 49 8.38 -18.42 9.44
C GLY B 49 7.70 -19.06 10.64
N VAL B 50 6.38 -19.22 10.58
CA VAL B 50 5.66 -19.79 11.72
C VAL B 50 5.15 -21.20 11.44
N VAL B 51 5.34 -21.64 10.19
CA VAL B 51 4.84 -22.94 9.73
C VAL B 51 5.95 -23.95 9.61
N ASP B 52 5.93 -24.97 10.46
CA ASP B 52 6.99 -25.97 10.48
C ASP B 52 6.89 -26.94 9.31
N THR B 53 5.66 -27.28 8.94
CA THR B 53 5.49 -28.29 7.92
C THR B 53 4.24 -28.04 7.08
N VAL B 54 4.39 -28.30 5.79
CA VAL B 54 3.30 -28.23 4.86
C VAL B 54 3.07 -29.62 4.32
N VAL B 55 1.87 -30.13 4.51
CA VAL B 55 1.46 -31.30 3.75
C VAL B 55 0.71 -30.83 2.51
N VAL B 56 1.09 -31.35 1.36
CA VAL B 56 0.26 -31.18 0.17
C VAL B 56 -0.63 -32.41 0.06
N ALA B 57 -1.92 -32.18 -0.10
CA ALA B 57 -2.84 -33.29 -0.07
C ALA B 57 -3.57 -33.38 -1.37
N VAL B 58 -3.28 -34.46 -2.09
CA VAL B 58 -3.67 -34.60 -3.50
C VAL B 58 -4.38 -35.93 -3.72
N PRO B 59 -5.37 -35.93 -4.60
CA PRO B 59 -5.99 -37.21 -4.99
C PRO B 59 -4.97 -38.08 -5.72
N ALA B 60 -5.17 -39.40 -5.63
CA ALA B 60 -4.33 -40.35 -6.35
C ALA B 60 -3.89 -39.86 -7.73
N ASP B 61 -4.85 -39.55 -8.60
CA ASP B 61 -4.56 -39.22 -10.00
C ASP B 61 -3.41 -38.21 -10.21
N ARG B 62 -3.13 -37.39 -9.21
CA ARG B 62 -2.18 -36.30 -9.43
C ARG B 62 -0.92 -36.44 -8.59
N THR B 63 -0.61 -37.69 -8.22
CA THR B 63 0.52 -37.93 -7.33
C THR B 63 1.88 -37.78 -8.06
N ASP B 64 1.92 -38.12 -9.34
CA ASP B 64 3.15 -37.95 -10.11
C ASP B 64 3.50 -36.46 -10.30
N GLU B 65 2.57 -35.68 -10.80
CA GLU B 65 2.82 -34.25 -11.00
C GLU B 65 3.14 -33.57 -9.67
N ALA B 66 2.46 -33.99 -8.62
CA ALA B 66 2.63 -33.39 -7.31
C ALA B 66 4.03 -33.71 -6.75
N ARG B 67 4.54 -34.87 -7.11
CA ARG B 67 5.86 -35.27 -6.61
C ARG B 67 6.99 -34.55 -7.35
N GLN B 68 6.90 -34.52 -8.68
CA GLN B 68 7.91 -33.86 -9.50
C GLN B 68 8.09 -32.40 -9.06
N ILE B 69 6.95 -31.72 -8.89
CA ILE B 69 6.95 -30.31 -8.52
C ILE B 69 7.28 -30.10 -7.05
N LEU B 70 6.34 -30.48 -6.18
CA LEU B 70 6.41 -30.09 -4.78
C LEU B 70 7.31 -31.02 -3.98
N GLY B 71 8.28 -31.63 -4.65
CA GLY B 71 9.07 -32.70 -4.06
C GLY B 71 9.82 -32.42 -2.77
N HIS B 72 9.09 -32.04 -1.74
CA HIS B 72 9.64 -31.87 -0.40
C HIS B 72 10.92 -31.01 -0.35
N ARG B 73 10.81 -29.71 -0.06
CA ARG B 73 9.56 -28.94 0.00
C ARG B 73 8.50 -29.31 1.07
N ALA B 74 7.68 -30.32 0.76
CA ALA B 74 6.53 -30.65 1.58
C ALA B 74 6.31 -32.15 1.61
N MET B 75 5.63 -32.60 2.66
CA MET B 75 5.03 -33.92 2.67
C MET B 75 3.89 -33.97 1.63
N ILE B 76 3.77 -35.10 0.98
CA ILE B 76 2.68 -35.27 0.05
C ILE B 76 1.86 -36.38 0.63
N VAL B 77 0.54 -36.22 0.63
CA VAL B 77 -0.29 -37.37 0.86
C VAL B 77 -1.32 -37.44 -0.24
N ALA B 78 -1.59 -38.66 -0.69
CA ALA B 78 -2.54 -38.89 -1.75
C ALA B 78 -3.22 -40.24 -1.52
N GLY B 79 -4.54 -40.34 -1.67
CA GLY B 79 -5.44 -39.22 -1.91
C GLY B 79 -6.84 -39.77 -2.01
N GLY B 80 -7.85 -38.98 -1.67
CA GLY B 80 -9.22 -39.43 -1.83
C GLY B 80 -9.74 -39.07 -3.21
N SER B 81 -10.91 -38.45 -3.27
CA SER B 81 -11.44 -37.86 -4.50
C SER B 81 -11.95 -36.46 -4.20
N ASN B 82 -12.83 -36.37 -3.23
CA ASN B 82 -13.30 -35.07 -2.77
C ASN B 82 -12.15 -34.29 -2.14
N ARG B 83 -12.31 -32.98 -2.01
CA ARG B 83 -11.40 -32.19 -1.20
C ARG B 83 -11.40 -32.74 0.21
N THR B 84 -12.60 -32.99 0.77
CA THR B 84 -12.67 -33.40 2.16
C THR B 84 -12.08 -34.79 2.43
N ASP B 85 -12.15 -35.69 1.46
CA ASP B 85 -11.42 -36.96 1.58
C ASP B 85 -9.93 -36.73 1.81
N THR B 86 -9.33 -35.90 0.96
CA THR B 86 -7.89 -35.74 0.98
C THR B 86 -7.45 -34.97 2.25
N VAL B 87 -8.25 -34.00 2.68
CA VAL B 87 -8.02 -33.37 3.99
C VAL B 87 -8.17 -34.38 5.14
N ASN B 88 -9.17 -35.23 5.03
CA ASN B 88 -9.40 -36.26 6.04
C ASN B 88 -8.20 -37.15 6.18
N LEU B 89 -7.76 -37.65 5.03
CA LEU B 89 -6.62 -38.53 4.94
C LEU B 89 -5.39 -37.83 5.54
N ALA B 90 -5.10 -36.64 5.05
CA ALA B 90 -4.05 -35.81 5.63
C ALA B 90 -4.22 -35.67 7.17
N LEU B 91 -5.44 -35.43 7.62
CA LEU B 91 -5.72 -35.40 9.06
C LEU B 91 -5.30 -36.72 9.73
N THR B 92 -5.62 -37.82 9.09
CA THR B 92 -5.27 -39.13 9.59
C THR B 92 -3.75 -39.30 9.80
N VAL B 93 -2.96 -38.72 8.90
CA VAL B 93 -1.52 -38.83 8.92
C VAL B 93 -0.90 -37.93 10.01
N LEU B 94 -1.30 -36.66 10.07
CA LEU B 94 -0.86 -35.78 11.16
C LEU B 94 -1.11 -36.42 12.54
N SER B 95 -2.08 -37.34 12.58
CA SER B 95 -2.02 -38.49 13.50
C SER B 95 -2.00 -38.15 14.97
N GLY B 96 -1.24 -38.94 15.71
CA GLY B 96 -1.12 -38.84 17.16
C GLY B 96 0.32 -38.64 17.62
N THR B 97 1.17 -39.65 17.44
CA THR B 97 2.58 -39.55 17.84
C THR B 97 3.22 -38.18 17.52
N ALA B 98 3.32 -37.85 16.24
CA ALA B 98 3.88 -36.58 15.83
C ALA B 98 2.82 -35.49 15.60
N GLU B 99 1.68 -35.63 16.28
CA GLU B 99 0.58 -34.69 16.10
C GLU B 99 0.99 -33.26 16.50
N PRO B 100 0.78 -32.29 15.59
CA PRO B 100 1.15 -30.88 15.82
C PRO B 100 0.15 -30.20 16.75
N GLU B 101 0.51 -29.04 17.32
CA GLU B 101 -0.38 -28.31 18.21
C GLU B 101 -1.48 -27.68 17.36
N PHE B 102 -1.09 -27.06 16.26
CA PHE B 102 -2.06 -26.37 15.40
C PHE B 102 -1.99 -26.83 13.93
N VAL B 103 -3.11 -26.74 13.22
CA VAL B 103 -3.17 -27.09 11.80
C VAL B 103 -3.79 -25.96 11.04
N LEU B 104 -3.10 -25.48 10.01
CA LEU B 104 -3.72 -24.56 9.08
C LEU B 104 -4.23 -25.33 7.88
N VAL B 105 -5.29 -24.83 7.27
CA VAL B 105 -5.70 -25.32 5.97
C VAL B 105 -5.70 -24.12 5.02
N HIS B 106 -4.95 -24.23 3.95
CA HIS B 106 -4.77 -23.13 3.03
C HIS B 106 -5.15 -23.49 1.59
N ASP B 107 -5.97 -22.65 0.95
CA ASP B 107 -6.32 -22.77 -0.45
C ASP B 107 -5.09 -22.53 -1.31
N ALA B 108 -4.75 -23.51 -2.14
CA ALA B 108 -3.68 -23.35 -3.12
C ALA B 108 -3.85 -22.14 -4.05
N ALA B 109 -5.08 -21.73 -4.32
CA ALA B 109 -5.27 -20.67 -5.30
C ALA B 109 -5.04 -19.28 -4.70
N ARG B 110 -4.86 -19.22 -3.39
CA ARG B 110 -4.49 -17.97 -2.74
C ARG B 110 -2.97 -17.84 -2.70
N ALA B 111 -2.38 -17.77 -3.89
CA ALA B 111 -0.93 -17.94 -4.05
C ALA B 111 -0.12 -16.75 -3.56
N LEU B 112 -0.71 -15.57 -3.69
CA LEU B 112 -0.10 -14.31 -3.24
C LEU B 112 -0.35 -13.95 -1.79
N THR B 113 -0.79 -14.92 -0.99
CA THR B 113 -1.07 -14.69 0.40
C THR B 113 0.20 -14.24 1.09
N PRO B 114 0.15 -13.08 1.76
CA PRO B 114 1.27 -12.52 2.53
C PRO B 114 1.57 -13.30 3.81
N PRO B 115 2.85 -13.60 4.05
CA PRO B 115 3.32 -14.25 5.28
C PRO B 115 2.80 -13.59 6.58
N ALA B 116 2.85 -12.27 6.68
CA ALA B 116 2.28 -11.60 7.83
C ALA B 116 0.88 -12.15 8.18
N LEU B 117 -0.04 -12.13 7.22
CA LEU B 117 -1.37 -12.73 7.37
C LEU B 117 -1.29 -14.10 8.04
N VAL B 118 -0.50 -14.98 7.44
CA VAL B 118 -0.20 -16.27 8.02
C VAL B 118 0.18 -16.14 9.51
N ALA B 119 1.22 -15.36 9.80
CA ALA B 119 1.67 -15.19 11.17
C ALA B 119 0.54 -14.66 12.06
N ARG B 120 -0.21 -13.71 11.54
CA ARG B 120 -1.34 -13.12 12.29
C ARG B 120 -2.36 -14.20 12.69
N VAL B 121 -2.57 -15.19 11.83
CA VAL B 121 -3.43 -16.31 12.17
C VAL B 121 -2.84 -17.21 13.26
N VAL B 122 -1.55 -17.48 13.16
CA VAL B 122 -0.92 -18.35 14.13
C VAL B 122 -0.90 -17.71 15.51
N GLU B 123 -0.69 -16.40 15.52
CA GLU B 123 -0.58 -15.64 16.76
C GLU B 123 -1.91 -15.75 17.54
N ALA B 124 -3.04 -15.77 16.83
CA ALA B 124 -4.34 -15.90 17.49
C ALA B 124 -4.57 -17.28 18.09
N LEU B 125 -4.13 -18.32 17.37
CA LEU B 125 -4.17 -19.66 17.93
C LEU B 125 -3.31 -19.70 19.18
N ARG B 126 -2.16 -19.03 19.13
CA ARG B 126 -1.24 -19.06 20.26
C ARG B 126 -1.86 -18.35 21.44
N ASP B 127 -2.86 -17.52 21.17
CA ASP B 127 -3.52 -16.75 22.21
C ASP B 127 -4.82 -17.34 22.73
N GLY B 128 -5.03 -18.64 22.52
CA GLY B 128 -6.16 -19.31 23.11
C GLY B 128 -7.26 -19.70 22.14
N TYR B 129 -7.41 -18.92 21.08
CA TYR B 129 -8.47 -19.18 20.11
C TYR B 129 -8.31 -20.51 19.38
N ALA B 130 -9.27 -21.40 19.61
CA ALA B 130 -9.19 -22.73 19.02
C ALA B 130 -9.50 -22.72 17.52
N ALA B 131 -10.06 -21.62 17.02
CA ALA B 131 -10.38 -21.53 15.60
C ALA B 131 -10.39 -20.08 15.10
N VAL B 132 -9.79 -19.85 13.93
CA VAL B 132 -9.45 -18.51 13.47
C VAL B 132 -9.44 -18.34 11.94
N VAL B 133 -10.26 -17.42 11.43
CA VAL B 133 -10.24 -17.11 10.00
C VAL B 133 -9.74 -15.70 9.70
N PRO B 134 -9.05 -15.53 8.55
CA PRO B 134 -8.70 -14.19 8.11
C PRO B 134 -9.87 -13.68 7.29
N VAL B 135 -10.14 -12.39 7.44
CA VAL B 135 -11.42 -11.81 7.10
C VAL B 135 -11.21 -10.38 6.53
N LEU B 136 -12.02 -10.00 5.54
CA LEU B 136 -12.00 -8.65 4.98
C LEU B 136 -13.40 -8.05 4.88
N PRO B 137 -13.51 -6.74 5.12
CA PRO B 137 -14.80 -6.10 4.88
C PRO B 137 -15.21 -6.29 3.45
N LEU B 138 -16.51 -6.15 3.20
CA LEU B 138 -17.07 -6.34 1.88
C LEU B 138 -17.13 -5.02 1.15
N SER B 139 -16.79 -5.04 -0.13
CA SER B 139 -16.67 -3.79 -0.89
C SER B 139 -17.97 -3.43 -1.56
N ASP B 140 -18.80 -4.43 -1.80
CA ASP B 140 -20.06 -4.17 -2.43
C ASP B 140 -21.21 -4.37 -1.48
N THR B 141 -22.29 -3.62 -1.70
CA THR B 141 -23.53 -3.92 -1.03
C THR B 141 -23.85 -5.40 -1.28
N ILE B 142 -24.35 -6.08 -0.24
CA ILE B 142 -24.74 -7.47 -0.33
C ILE B 142 -26.26 -7.64 -0.26
N LYS B 143 -26.81 -8.37 -1.22
CA LYS B 143 -28.24 -8.70 -1.17
C LYS B 143 -28.46 -10.19 -1.22
N ALA B 144 -29.55 -10.62 -0.60
CA ALA B 144 -29.94 -12.01 -0.63
C ALA B 144 -30.98 -12.06 -1.71
N VAL B 145 -30.90 -13.06 -2.57
CA VAL B 145 -31.69 -13.13 -3.81
C VAL B 145 -32.22 -14.54 -3.95
N ASP B 146 -33.41 -14.71 -4.52
CA ASP B 146 -33.97 -16.06 -4.67
C ASP B 146 -33.80 -16.61 -6.11
N ALA B 147 -34.24 -17.86 -6.32
CA ALA B 147 -33.96 -18.55 -7.57
C ALA B 147 -34.55 -17.90 -8.81
N ASN B 148 -35.61 -17.11 -8.63
CA ASN B 148 -36.19 -16.35 -9.73
C ASN B 148 -35.60 -14.94 -9.96
N GLY B 149 -34.51 -14.62 -9.27
CA GLY B 149 -33.82 -13.35 -9.46
C GLY B 149 -34.48 -12.17 -8.77
N VAL B 150 -35.18 -12.43 -7.68
CA VAL B 150 -35.87 -11.38 -6.92
C VAL B 150 -35.18 -11.15 -5.58
N VAL B 151 -34.84 -9.88 -5.31
CA VAL B 151 -34.16 -9.49 -4.07
C VAL B 151 -34.97 -9.83 -2.81
N LEU B 152 -34.37 -10.59 -1.91
CA LEU B 152 -35.03 -11.00 -0.69
C LEU B 152 -34.77 -10.02 0.46
N GLY B 153 -33.68 -9.26 0.35
CA GLY B 153 -33.35 -8.31 1.38
C GLY B 153 -31.92 -7.83 1.26
N THR B 154 -31.60 -6.79 2.01
CA THR B 154 -30.25 -6.25 2.04
C THR B 154 -29.71 -6.27 3.46
N PRO B 155 -29.02 -7.37 3.82
CA PRO B 155 -28.38 -7.50 5.14
C PRO B 155 -27.34 -6.39 5.36
N GLU B 156 -27.00 -6.12 6.60
CA GLU B 156 -26.07 -5.05 6.89
C GLU B 156 -24.64 -5.48 6.59
N ARG B 157 -23.93 -4.66 5.80
CA ARG B 157 -22.57 -4.96 5.35
C ARG B 157 -21.61 -5.11 6.54
N ALA B 158 -21.71 -4.17 7.48
CA ALA B 158 -21.07 -4.36 8.77
C ALA B 158 -21.81 -5.54 9.34
N GLY B 159 -21.13 -6.38 10.12
CA GLY B 159 -21.77 -7.60 10.56
C GLY B 159 -21.44 -8.76 9.62
N LEU B 160 -21.21 -8.43 8.36
CA LEU B 160 -20.82 -9.39 7.34
C LEU B 160 -19.36 -9.22 6.95
N ARG B 161 -18.67 -10.33 6.72
CA ARG B 161 -17.24 -10.31 6.36
C ARG B 161 -16.89 -11.32 5.28
N ALA B 162 -15.92 -10.99 4.44
CA ALA B 162 -15.43 -11.98 3.48
C ALA B 162 -14.24 -12.69 4.09
N VAL B 163 -14.21 -14.01 3.98
CA VAL B 163 -13.18 -14.77 4.64
C VAL B 163 -12.24 -15.47 3.66
N GLN B 164 -11.00 -15.57 4.08
CA GLN B 164 -9.98 -16.12 3.22
C GLN B 164 -9.33 -17.30 3.94
N THR B 165 -8.17 -17.71 3.45
CA THR B 165 -7.39 -18.73 4.11
C THR B 165 -5.93 -18.22 4.19
N PRO B 166 -5.08 -18.88 4.98
CA PRO B 166 -5.29 -20.12 5.73
C PRO B 166 -6.19 -19.97 6.95
N GLN B 167 -6.89 -21.04 7.26
CA GLN B 167 -7.74 -21.05 8.43
C GLN B 167 -6.97 -21.89 9.42
N GLY B 168 -6.93 -21.46 10.68
CA GLY B 168 -6.15 -22.13 11.70
C GLY B 168 -6.99 -22.77 12.78
N PHE B 169 -6.57 -23.94 13.25
CA PHE B 169 -7.31 -24.67 14.26
C PHE B 169 -6.38 -25.42 15.21
N THR B 170 -6.81 -25.61 16.45
CA THR B 170 -6.18 -26.63 17.25
C THR B 170 -6.47 -27.92 16.48
N THR B 171 -5.47 -28.76 16.31
CA THR B 171 -5.70 -29.93 15.47
C THR B 171 -6.77 -30.86 16.06
N ASP B 172 -6.92 -30.87 17.37
CA ASP B 172 -7.95 -31.68 18.00
C ASP B 172 -9.35 -31.32 17.51
N LEU B 173 -9.65 -30.02 17.53
CA LEU B 173 -10.91 -29.50 16.99
C LEU B 173 -11.16 -29.88 15.51
N LEU B 174 -10.15 -29.71 14.67
CA LEU B 174 -10.32 -29.92 13.22
C LEU B 174 -10.53 -31.41 12.88
N LEU B 175 -9.71 -32.28 13.48
CA LEU B 175 -10.00 -33.72 13.57
C LEU B 175 -11.47 -34.03 13.90
N ARG B 176 -11.92 -33.54 15.05
CA ARG B 176 -13.30 -33.73 15.47
C ARG B 176 -14.27 -33.20 14.42
N SER B 177 -14.04 -31.96 13.99
CA SER B 177 -14.92 -31.35 12.99
C SER B 177 -15.09 -32.26 11.80
N TYR B 178 -13.97 -32.76 11.31
CA TYR B 178 -14.00 -33.56 10.11
C TYR B 178 -14.63 -34.93 10.32
N GLN B 179 -14.35 -35.53 11.46
CA GLN B 179 -14.95 -36.80 11.78
C GLN B 179 -16.47 -36.69 11.72
N ARG B 180 -17.03 -35.55 12.12
CA ARG B 180 -18.47 -35.35 12.03
C ARG B 180 -18.90 -35.09 10.58
N GLY B 181 -19.23 -36.16 9.86
CA GLY B 181 -19.57 -36.07 8.45
C GLY B 181 -19.10 -37.30 7.69
N SER B 182 -20.03 -37.98 7.03
CA SER B 182 -21.43 -37.56 7.02
C SER B 182 -22.12 -37.94 8.33
N LEU B 183 -23.06 -37.11 8.81
CA LEU B 183 -23.52 -35.88 8.13
C LEU B 183 -22.44 -35.05 7.46
N THR B 191 -15.77 -27.16 1.07
CA THR B 191 -15.58 -25.74 0.83
C THR B 191 -14.79 -25.04 1.94
N ASP B 192 -15.53 -24.42 2.85
CA ASP B 192 -14.98 -23.68 3.96
C ASP B 192 -14.81 -24.57 5.18
N ASP B 193 -13.59 -24.70 5.69
CA ASP B 193 -13.31 -25.62 6.78
C ASP B 193 -13.91 -25.11 8.09
N ALA B 194 -13.83 -23.80 8.30
CA ALA B 194 -14.37 -23.24 9.52
C ALA B 194 -15.88 -23.55 9.63
N SER B 195 -16.56 -23.75 8.49
CA SER B 195 -18.00 -23.97 8.58
C SER B 195 -18.30 -25.37 9.13
N LEU B 196 -17.35 -26.29 8.97
CA LEU B 196 -17.43 -27.56 9.68
C LEU B 196 -17.42 -27.33 11.20
N VAL B 197 -16.37 -26.66 11.69
CA VAL B 197 -16.25 -26.32 13.11
C VAL B 197 -17.53 -25.67 13.59
N GLU B 198 -18.00 -24.69 12.83
CA GLU B 198 -19.23 -24.02 13.17
C GLU B 198 -20.39 -24.99 13.29
N HIS B 199 -20.33 -26.07 12.54
CA HIS B 199 -21.44 -27.00 12.53
C HIS B 199 -21.44 -27.87 13.78
N ILE B 200 -20.25 -28.25 14.25
CA ILE B 200 -20.14 -29.02 15.48
C ILE B 200 -20.22 -28.10 16.72
N GLY B 201 -20.62 -26.85 16.50
CA GLY B 201 -20.86 -25.92 17.58
C GLY B 201 -19.61 -25.36 18.21
N GLY B 202 -18.49 -25.38 17.48
CA GLY B 202 -17.27 -24.75 17.92
C GLY B 202 -17.36 -23.26 17.63
N GLN B 203 -16.64 -22.45 18.38
CA GLN B 203 -16.66 -21.00 18.14
C GLN B 203 -15.38 -20.57 17.43
N VAL B 204 -15.53 -19.70 16.44
CA VAL B 204 -14.38 -19.36 15.65
C VAL B 204 -14.16 -17.85 15.65
N GLN B 205 -12.89 -17.46 15.63
CA GLN B 205 -12.51 -16.08 15.87
C GLN B 205 -11.88 -15.48 14.63
N VAL B 206 -11.77 -14.18 14.60
CA VAL B 206 -11.48 -13.50 13.37
C VAL B 206 -10.26 -12.60 13.46
N VAL B 207 -9.52 -12.50 12.36
CA VAL B 207 -8.36 -11.63 12.25
C VAL B 207 -8.35 -11.01 10.85
N ASP B 208 -7.67 -9.88 10.73
CA ASP B 208 -7.60 -9.19 9.44
C ASP B 208 -7.01 -10.09 8.39
N GLY B 209 -7.62 -10.05 7.23
CA GLY B 209 -7.02 -10.67 6.06
C GLY B 209 -6.18 -9.66 5.30
N ASP B 210 -6.17 -9.85 3.98
CA ASP B 210 -5.37 -9.04 3.09
C ASP B 210 -5.80 -9.30 1.66
N PRO B 211 -6.19 -8.24 0.95
CA PRO B 211 -6.62 -8.32 -0.43
C PRO B 211 -5.68 -9.15 -1.32
N LEU B 212 -4.38 -9.09 -1.03
CA LEU B 212 -3.38 -9.90 -1.75
C LEU B 212 -3.67 -11.41 -1.65
N ALA B 213 -4.46 -11.82 -0.66
CA ALA B 213 -4.82 -13.24 -0.50
C ALA B 213 -6.09 -13.71 -1.25
N PHE B 214 -6.47 -13.01 -2.31
CA PHE B 214 -7.65 -13.39 -3.10
C PHE B 214 -7.41 -14.75 -3.74
N LYS B 215 -8.50 -15.48 -3.95
CA LYS B 215 -8.44 -16.77 -4.64
C LYS B 215 -8.31 -16.51 -6.12
N ILE B 216 -7.23 -17.02 -6.72
CA ILE B 216 -7.01 -16.77 -8.14
C ILE B 216 -7.86 -17.73 -8.96
N THR B 217 -9.00 -17.26 -9.46
CA THR B 217 -9.94 -18.17 -10.09
C THR B 217 -10.21 -17.87 -11.55
N THR B 218 -10.04 -16.62 -11.95
CA THR B 218 -10.41 -16.21 -13.30
C THR B 218 -9.23 -15.59 -14.06
N LYS B 219 -9.44 -15.35 -15.35
CA LYS B 219 -8.41 -14.73 -16.16
C LYS B 219 -8.10 -13.38 -15.54
N LEU B 220 -9.16 -12.65 -15.22
CA LEU B 220 -8.98 -11.38 -14.53
C LEU B 220 -8.10 -11.59 -13.30
N ASP B 221 -8.51 -12.54 -12.46
CA ASP B 221 -7.72 -12.94 -11.31
C ASP B 221 -6.26 -13.13 -11.74
N LEU B 222 -6.06 -14.00 -12.72
CA LEU B 222 -4.73 -14.29 -13.19
C LEU B 222 -4.04 -13.00 -13.61
N LEU B 223 -4.73 -12.21 -14.43
CA LEU B 223 -4.19 -10.96 -14.94
C LEU B 223 -3.63 -10.13 -13.78
N LEU B 224 -4.45 -9.94 -12.75
CA LEU B 224 -4.04 -9.28 -11.52
C LEU B 224 -2.83 -9.97 -10.89
N ALA B 225 -2.92 -11.28 -10.75
CA ALA B 225 -1.79 -12.02 -10.19
C ALA B 225 -0.52 -11.74 -11.01
N GLN B 226 -0.63 -11.80 -12.33
CA GLN B 226 0.51 -11.52 -13.19
C GLN B 226 1.07 -10.15 -12.88
N ALA B 227 0.21 -9.13 -12.99
CA ALA B 227 0.67 -7.77 -12.79
C ALA B 227 1.36 -7.65 -11.44
N ILE B 228 0.89 -8.40 -10.45
CA ILE B 228 1.46 -8.28 -9.11
C ILE B 228 2.87 -8.84 -9.01
N VAL B 229 3.04 -10.11 -9.35
CA VAL B 229 4.36 -10.75 -9.26
C VAL B 229 5.47 -9.94 -9.91
N ARG B 230 5.28 -9.52 -11.15
CA ARG B 230 6.28 -8.68 -11.82
C ARG B 230 5.85 -7.21 -11.77
N GLY B 231 6.17 -6.55 -10.66
CA GLY B 231 5.82 -5.15 -10.48
C GLY B 231 7.01 -4.21 -10.46
N GLU C 7 45.09 -8.89 3.88
CA GLU C 7 43.88 -9.34 3.18
C GLU C 7 42.62 -8.62 3.68
N VAL C 8 41.66 -8.44 2.77
CA VAL C 8 40.36 -7.88 3.12
C VAL C 8 39.22 -8.86 2.82
N VAL C 9 38.37 -9.08 3.82
CA VAL C 9 37.27 -10.01 3.69
C VAL C 9 35.91 -9.37 3.98
N ALA C 10 35.01 -9.47 3.02
CA ALA C 10 33.68 -8.91 3.21
C ALA C 10 32.73 -10.00 3.68
N ILE C 11 31.94 -9.66 4.68
CA ILE C 11 30.92 -10.55 5.16
C ILE C 11 29.56 -10.02 4.73
N VAL C 12 28.78 -10.86 4.07
CA VAL C 12 27.44 -10.49 3.67
C VAL C 12 26.44 -11.38 4.40
N PRO C 13 25.72 -10.81 5.37
CA PRO C 13 24.73 -11.53 6.17
C PRO C 13 23.33 -11.40 5.59
N ALA C 14 22.71 -12.54 5.30
CA ALA C 14 21.39 -12.56 4.71
C ALA C 14 20.35 -13.01 5.73
N PRO C 26 10.47 -8.98 -0.81
CA PRO C 26 11.46 -8.23 -1.59
C PRO C 26 12.76 -7.97 -0.81
N LYS C 27 13.43 -9.03 -0.37
CA LYS C 27 14.70 -8.86 0.35
C LYS C 27 15.88 -9.55 -0.33
N ALA C 28 16.73 -10.17 0.47
CA ALA C 28 18.05 -10.62 0.03
C ALA C 28 18.03 -11.62 -1.12
N PHE C 29 17.02 -12.49 -1.15
CA PHE C 29 16.94 -13.46 -2.23
C PHE C 29 15.86 -13.10 -3.26
N TYR C 30 15.48 -11.82 -3.30
CA TYR C 30 14.65 -11.30 -4.37
C TYR C 30 15.51 -11.15 -5.63
N GLN C 31 14.87 -11.11 -6.79
CA GLN C 31 15.61 -11.11 -8.05
C GLN C 31 15.36 -9.90 -8.93
N LEU C 32 16.21 -8.88 -8.79
CA LEU C 32 16.11 -7.72 -9.67
C LEU C 32 16.50 -8.13 -11.10
N ASP C 33 15.49 -8.24 -11.95
CA ASP C 33 15.60 -8.88 -13.28
C ASP C 33 16.95 -9.53 -13.63
N GLY C 34 17.14 -10.76 -13.19
CA GLY C 34 18.31 -11.52 -13.60
C GLY C 34 19.26 -11.88 -12.48
N GLN C 35 19.42 -10.97 -11.52
CA GLN C 35 20.28 -11.25 -10.38
C GLN C 35 19.52 -11.03 -9.09
N THR C 36 19.50 -12.03 -8.22
CA THR C 36 19.01 -11.82 -6.86
C THR C 36 19.79 -10.67 -6.26
N LEU C 37 19.25 -10.03 -5.23
CA LEU C 37 19.90 -8.86 -4.60
C LEU C 37 21.26 -9.18 -4.02
N ILE C 38 21.37 -10.35 -3.39
CA ILE C 38 22.65 -10.79 -2.85
C ILE C 38 23.69 -10.98 -3.95
N GLU C 39 23.27 -11.54 -5.07
CA GLU C 39 24.15 -11.70 -6.21
C GLU C 39 24.77 -10.36 -6.60
N ARG C 40 23.92 -9.35 -6.80
CA ARG C 40 24.41 -8.02 -7.13
C ARG C 40 25.33 -7.50 -6.04
N ALA C 41 24.97 -7.69 -4.78
CA ALA C 41 25.73 -7.11 -3.68
C ALA C 41 27.16 -7.68 -3.62
N VAL C 42 27.32 -8.95 -3.99
CA VAL C 42 28.66 -9.54 -4.00
C VAL C 42 29.48 -9.08 -5.19
N ASP C 43 28.82 -8.96 -6.34
CA ASP C 43 29.52 -8.47 -7.52
C ASP C 43 29.97 -7.01 -7.37
N GLY C 44 29.41 -6.31 -6.39
CA GLY C 44 29.83 -4.96 -6.09
C GLY C 44 31.07 -4.94 -5.20
N LEU C 45 31.18 -5.94 -4.35
CA LEU C 45 32.33 -6.07 -3.47
C LEU C 45 33.51 -6.58 -4.26
N LEU C 46 33.22 -7.38 -5.29
CA LEU C 46 34.26 -7.94 -6.14
C LEU C 46 34.79 -6.92 -7.14
N ASP C 47 33.89 -6.24 -7.84
CA ASP C 47 34.28 -5.29 -8.88
C ASP C 47 35.07 -4.11 -8.31
N SER C 48 34.86 -3.80 -7.03
CA SER C 48 35.64 -2.77 -6.35
C SER C 48 37.12 -2.99 -6.61
N GLY C 49 37.56 -4.25 -6.48
CA GLY C 49 38.94 -4.60 -6.73
C GLY C 49 39.79 -4.66 -5.48
N VAL C 50 39.20 -4.33 -4.33
CA VAL C 50 39.95 -4.35 -3.07
C VAL C 50 39.47 -5.39 -2.07
N VAL C 51 38.44 -6.16 -2.46
CA VAL C 51 37.98 -7.29 -1.67
C VAL C 51 38.51 -8.62 -2.24
N ASP C 52 39.06 -9.47 -1.37
CA ASP C 52 39.69 -10.72 -1.82
C ASP C 52 38.76 -11.92 -1.68
N THR C 53 38.02 -11.94 -0.58
CA THR C 53 37.04 -12.99 -0.39
C THR C 53 35.74 -12.42 0.11
N VAL C 54 34.64 -12.86 -0.47
CA VAL C 54 33.34 -12.57 0.09
C VAL C 54 32.83 -13.83 0.78
N VAL C 55 32.23 -13.63 1.95
CA VAL C 55 31.65 -14.71 2.72
C VAL C 55 30.19 -14.37 2.95
N VAL C 56 29.29 -15.06 2.25
CA VAL C 56 27.88 -14.85 2.47
C VAL C 56 27.37 -15.74 3.59
N ALA C 57 26.42 -15.24 4.37
CA ALA C 57 25.75 -16.06 5.37
C ALA C 57 24.25 -16.02 5.18
N VAL C 58 23.73 -17.03 4.48
CA VAL C 58 22.30 -17.16 4.25
C VAL C 58 21.81 -18.49 4.79
N PRO C 59 20.98 -18.45 5.84
CA PRO C 59 20.39 -19.66 6.42
C PRO C 59 19.47 -20.37 5.42
N ALA C 60 19.50 -21.68 5.39
CA ALA C 60 20.34 -22.48 6.26
C ALA C 60 20.58 -23.92 5.75
N ASP C 61 19.58 -24.66 5.26
CA ASP C 61 18.20 -24.27 4.88
C ASP C 61 18.12 -23.76 3.44
N ARG C 62 18.43 -22.48 3.24
CA ARG C 62 18.58 -21.96 1.89
C ARG C 62 20.07 -21.90 1.52
N THR C 63 20.88 -22.65 2.26
CA THR C 63 22.32 -22.72 2.03
C THR C 63 22.67 -23.34 0.66
N ASP C 64 22.00 -24.43 0.31
CA ASP C 64 22.22 -25.10 -0.96
C ASP C 64 21.84 -24.22 -2.16
N GLU C 65 20.71 -23.53 -2.05
CA GLU C 65 20.29 -22.62 -3.11
C GLU C 65 21.37 -21.57 -3.35
N ALA C 66 21.79 -20.90 -2.29
CA ALA C 66 22.82 -19.87 -2.35
C ALA C 66 24.10 -20.37 -3.00
N ARG C 67 24.60 -21.52 -2.54
CA ARG C 67 25.81 -22.08 -3.10
C ARG C 67 25.65 -22.26 -4.61
N GLN C 68 24.48 -22.74 -5.02
CA GLN C 68 24.19 -22.88 -6.45
C GLN C 68 24.22 -21.51 -7.09
N ILE C 69 23.39 -20.60 -6.58
CA ILE C 69 23.32 -19.23 -7.08
C ILE C 69 24.69 -18.58 -7.27
N LEU C 70 25.53 -18.61 -6.25
CA LEU C 70 26.87 -18.03 -6.36
C LEU C 70 27.86 -19.07 -6.90
N GLY C 71 28.75 -19.54 -6.04
CA GLY C 71 29.72 -20.54 -6.45
C GLY C 71 31.14 -20.19 -6.05
N HIS C 72 32.02 -20.07 -7.04
CA HIS C 72 33.44 -19.83 -6.79
C HIS C 72 33.67 -18.36 -6.55
N ARG C 73 32.63 -17.57 -6.78
CA ARG C 73 32.73 -16.15 -6.59
C ARG C 73 32.69 -15.84 -5.09
N ALA C 74 31.85 -16.56 -4.35
CA ALA C 74 31.73 -16.33 -2.93
C ALA C 74 31.77 -17.63 -2.13
N MET C 75 32.18 -17.55 -0.87
CA MET C 75 32.09 -18.69 0.02
C MET C 75 30.86 -18.53 0.91
N ILE C 76 30.13 -19.63 1.10
CA ILE C 76 28.83 -19.62 1.79
C ILE C 76 28.90 -20.31 3.16
N VAL C 77 28.35 -19.66 4.19
CA VAL C 77 28.22 -20.31 5.50
C VAL C 77 26.78 -20.39 5.96
N ALA C 78 26.54 -21.21 6.98
CA ALA C 78 25.20 -21.46 7.53
C ALA C 78 24.52 -20.19 8.05
N GLY C 79 24.12 -20.21 9.32
CA GLY C 79 23.41 -19.09 9.90
C GLY C 79 23.19 -19.27 11.39
N VAL C 87 26.58 -13.93 13.04
CA VAL C 87 27.70 -13.17 12.49
C VAL C 87 29.04 -13.62 13.09
N ASN C 88 29.08 -13.85 14.40
CA ASN C 88 30.26 -14.44 15.01
C ASN C 88 30.67 -15.67 14.23
N LEU C 89 29.71 -16.26 13.51
CA LEU C 89 29.98 -17.49 12.78
C LEU C 89 31.05 -17.28 11.73
N ALA C 90 30.79 -16.38 10.78
CA ALA C 90 31.74 -16.11 9.70
C ALA C 90 33.05 -15.60 10.26
N LEU C 91 32.94 -14.94 11.41
CA LEU C 91 34.10 -14.51 12.18
C LEU C 91 34.92 -15.71 12.65
N THR C 92 34.24 -16.66 13.28
CA THR C 92 34.87 -17.91 13.68
C THR C 92 35.46 -18.60 12.46
N VAL C 93 34.63 -18.75 11.43
CA VAL C 93 35.06 -19.41 10.20
C VAL C 93 36.28 -18.66 9.64
N LEU C 94 37.22 -19.46 9.13
CA LEU C 94 38.55 -18.98 8.74
C LEU C 94 39.51 -20.19 8.56
N SER C 95 40.70 -20.26 9.17
CA SER C 95 41.28 -19.29 10.09
C SER C 95 42.17 -18.27 9.36
N GLU C 99 43.38 -14.92 9.57
CA GLU C 99 44.02 -14.58 8.31
C GLU C 99 43.98 -13.08 7.98
N PRO C 100 42.78 -12.53 7.78
CA PRO C 100 42.64 -11.20 7.16
C PRO C 100 43.03 -10.07 8.11
N GLU C 101 43.41 -8.93 7.54
CA GLU C 101 43.70 -7.75 8.36
C GLU C 101 42.41 -6.97 8.53
N PHE C 102 41.60 -6.97 7.48
CA PHE C 102 40.38 -6.16 7.43
C PHE C 102 39.13 -6.99 7.17
N VAL C 103 38.04 -6.62 7.83
CA VAL C 103 36.75 -7.22 7.58
C VAL C 103 35.77 -6.13 7.21
N LEU C 104 35.04 -6.33 6.10
CA LEU C 104 33.84 -5.54 5.80
C LEU C 104 32.61 -6.34 6.16
N VAL C 105 31.64 -5.66 6.77
CA VAL C 105 30.30 -6.22 6.92
C VAL C 105 29.38 -5.33 6.07
N HIS C 106 28.60 -5.96 5.19
CA HIS C 106 27.88 -5.24 4.13
C HIS C 106 26.45 -5.79 3.87
N ASP C 107 25.46 -4.89 3.72
CA ASP C 107 24.04 -5.25 3.63
C ASP C 107 23.62 -5.80 2.28
N ALA C 108 23.04 -7.00 2.28
CA ALA C 108 22.56 -7.63 1.06
C ALA C 108 21.66 -6.68 0.27
N ALA C 109 20.84 -5.93 0.99
CA ALA C 109 19.87 -4.99 0.40
C ALA C 109 20.53 -3.83 -0.37
N ARG C 110 21.76 -3.48 -0.02
CA ARG C 110 22.42 -2.33 -0.66
C ARG C 110 23.07 -2.81 -1.95
N ALA C 111 22.22 -3.36 -2.82
CA ALA C 111 22.69 -4.09 -3.96
C ALA C 111 23.27 -3.19 -5.06
N LEU C 112 22.82 -1.94 -5.14
CA LEU C 112 23.31 -1.04 -6.19
C LEU C 112 24.47 -0.20 -5.71
N THR C 113 25.13 -0.66 -4.66
CA THR C 113 26.27 0.03 -4.06
C THR C 113 27.45 0.17 -5.04
N PRO C 114 27.94 1.41 -5.24
CA PRO C 114 29.07 1.63 -6.16
C PRO C 114 30.40 1.02 -5.68
N PRO C 115 31.17 0.39 -6.58
CA PRO C 115 32.48 -0.17 -6.22
C PRO C 115 33.40 0.90 -5.62
N ALA C 116 33.25 2.12 -6.10
CA ALA C 116 34.03 3.24 -5.62
C ALA C 116 33.81 3.40 -4.13
N LEU C 117 32.55 3.25 -3.71
CA LEU C 117 32.21 3.42 -2.30
C LEU C 117 33.03 2.41 -1.51
N VAL C 118 33.16 1.20 -2.04
CA VAL C 118 33.92 0.16 -1.37
C VAL C 118 35.41 0.49 -1.31
N ALA C 119 36.01 0.71 -2.47
CA ALA C 119 37.40 1.14 -2.54
C ALA C 119 37.61 2.25 -1.53
N ARG C 120 36.69 3.20 -1.49
CA ARG C 120 36.79 4.32 -0.58
C ARG C 120 36.91 3.82 0.87
N VAL C 121 36.06 2.86 1.23
CA VAL C 121 36.02 2.33 2.60
C VAL C 121 37.28 1.55 2.99
N VAL C 122 37.96 1.00 1.99
CA VAL C 122 39.13 0.18 2.22
C VAL C 122 40.39 1.02 2.18
N GLU C 123 40.38 2.02 1.31
CA GLU C 123 41.48 2.95 1.22
C GLU C 123 41.68 3.61 2.60
N ALA C 124 40.56 3.85 3.28
CA ALA C 124 40.56 4.50 4.59
C ALA C 124 41.17 3.62 5.68
N LEU C 125 40.77 2.34 5.68
CA LEU C 125 41.32 1.34 6.58
C LEU C 125 42.81 1.17 6.34
N ARG C 126 43.23 1.29 5.08
CA ARG C 126 44.65 1.21 4.74
C ARG C 126 45.39 2.49 5.12
N ASP C 127 44.64 3.54 5.46
CA ASP C 127 45.25 4.79 5.91
C ASP C 127 45.25 4.85 7.43
N GLY C 128 45.03 3.71 8.06
CA GLY C 128 45.17 3.61 9.49
C GLY C 128 43.90 3.80 10.29
N TYR C 129 42.77 3.99 9.63
CA TYR C 129 41.52 4.10 10.38
C TYR C 129 41.02 2.72 10.73
N ALA C 130 40.95 2.40 12.02
CA ALA C 130 40.63 1.03 12.46
C ALA C 130 39.18 0.66 12.22
N ALA C 131 38.37 1.66 11.89
CA ALA C 131 36.94 1.46 11.77
C ALA C 131 36.40 2.54 10.84
N VAL C 132 35.65 2.12 9.82
CA VAL C 132 35.22 3.08 8.80
C VAL C 132 33.78 2.83 8.34
N VAL C 133 33.01 3.91 8.16
CA VAL C 133 31.63 3.80 7.68
C VAL C 133 31.33 4.89 6.68
N PRO C 134 30.57 4.52 5.63
CA PRO C 134 30.28 5.47 4.56
C PRO C 134 29.02 6.21 4.97
N VAL C 135 28.84 7.44 4.52
CA VAL C 135 27.97 8.34 5.23
C VAL C 135 27.44 9.42 4.29
N LEU C 136 26.14 9.74 4.44
CA LEU C 136 25.49 10.75 3.63
C LEU C 136 24.68 11.72 4.49
N PRO C 137 24.41 12.91 3.94
CA PRO C 137 23.51 13.86 4.61
C PRO C 137 22.06 13.43 4.50
N LEU C 138 21.32 13.67 5.57
CA LEU C 138 19.90 13.42 5.61
C LEU C 138 19.23 14.46 4.74
N SER C 139 18.17 14.04 4.04
CA SER C 139 17.43 14.91 3.13
C SER C 139 16.17 15.47 3.80
N ASP C 140 15.68 14.77 4.81
CA ASP C 140 14.56 15.24 5.61
C ASP C 140 15.05 15.72 6.98
N THR C 141 14.41 16.74 7.52
CA THR C 141 14.68 17.14 8.90
C THR C 141 14.49 15.93 9.82
N ILE C 142 15.37 15.77 10.80
CA ILE C 142 15.24 14.72 11.81
C ILE C 142 14.74 15.32 13.09
N LYS C 143 13.73 14.70 13.67
CA LYS C 143 13.20 15.11 14.94
C LYS C 143 13.27 13.97 15.95
N ALA C 144 13.36 14.32 17.22
CA ALA C 144 13.25 13.34 18.31
C ALA C 144 11.81 13.32 18.78
N VAL C 145 11.22 12.12 18.80
CA VAL C 145 9.80 11.99 19.10
C VAL C 145 9.56 10.99 20.21
N ASP C 146 8.90 11.43 21.29
CA ASP C 146 8.62 10.50 22.36
C ASP C 146 7.58 9.47 21.92
N ALA C 147 7.30 8.51 22.81
CA ALA C 147 6.49 7.35 22.47
C ALA C 147 5.01 7.69 22.27
N ASN C 148 4.63 8.92 22.62
CA ASN C 148 3.26 9.40 22.46
C ASN C 148 3.05 10.20 21.18
N GLY C 149 4.15 10.47 20.46
CA GLY C 149 4.06 11.19 19.21
C GLY C 149 4.28 12.69 19.36
N VAL C 150 4.75 13.10 20.54
CA VAL C 150 5.13 14.48 20.71
C VAL C 150 6.60 14.64 20.31
N VAL C 151 6.88 15.68 19.55
CA VAL C 151 8.25 16.07 19.28
C VAL C 151 8.92 16.58 20.56
N LEU C 152 10.14 16.10 20.78
CA LEU C 152 10.97 16.53 21.89
C LEU C 152 11.94 17.61 21.44
N GLY C 153 12.20 17.66 20.14
CA GLY C 153 13.08 18.66 19.58
C GLY C 153 13.62 18.32 18.21
N THR C 154 14.40 19.26 17.65
CA THR C 154 15.04 19.11 16.35
C THR C 154 16.56 19.29 16.45
N PRO C 155 17.33 18.20 16.39
CA PRO C 155 18.78 18.34 16.52
C PRO C 155 19.52 18.84 15.27
N GLU C 156 20.79 18.47 15.16
CA GLU C 156 21.67 18.95 14.11
C GLU C 156 21.61 20.47 13.93
N ARG C 157 22.14 21.27 14.86
CA ARG C 157 22.81 20.84 16.11
C ARG C 157 23.95 19.81 15.94
N ALA C 158 23.65 18.51 16.00
CA ALA C 158 24.68 17.51 15.82
C ALA C 158 24.90 17.34 14.33
N GLY C 159 25.95 16.63 13.95
CA GLY C 159 26.20 16.45 12.54
C GLY C 159 25.60 15.12 12.15
N LEU C 160 24.27 15.07 12.12
CA LEU C 160 23.59 13.80 11.91
C LEU C 160 23.81 13.33 10.48
N ARG C 161 24.20 12.07 10.37
CA ARG C 161 24.44 11.46 9.10
C ARG C 161 23.65 10.15 8.98
N ALA C 162 23.18 9.87 7.77
CA ALA C 162 22.70 8.54 7.44
C ALA C 162 23.91 7.65 7.17
N VAL C 163 23.97 6.53 7.87
CA VAL C 163 25.06 5.58 7.73
C VAL C 163 24.71 4.41 6.78
N GLN C 164 25.68 4.01 5.96
CA GLN C 164 25.45 2.95 4.99
C GLN C 164 26.45 1.83 5.23
N THR C 165 26.59 0.95 4.25
CA THR C 165 27.59 -0.09 4.29
C THR C 165 28.14 -0.22 2.88
N PRO C 166 29.28 -0.94 2.72
CA PRO C 166 29.90 -1.74 3.76
C PRO C 166 30.59 -0.93 4.86
N GLN C 167 30.61 -1.50 6.05
CA GLN C 167 31.38 -0.94 7.13
C GLN C 167 32.66 -1.73 7.26
N GLY C 168 33.79 -1.04 7.32
CA GLY C 168 35.08 -1.71 7.41
C GLY C 168 35.67 -1.75 8.81
N PHE C 169 36.52 -2.75 9.06
CA PHE C 169 37.12 -2.93 10.37
C PHE C 169 38.40 -3.73 10.28
N THR C 170 39.39 -3.41 11.10
CA THR C 170 40.47 -4.36 11.33
C THR C 170 39.81 -5.54 11.98
N THR C 171 40.15 -6.75 11.54
CA THR C 171 39.46 -7.92 12.08
C THR C 171 39.72 -7.99 13.59
N ASP C 172 40.94 -7.67 13.99
CA ASP C 172 41.25 -7.58 15.40
C ASP C 172 40.20 -6.75 16.16
N LEU C 173 39.94 -5.53 15.69
CA LEU C 173 38.96 -4.66 16.35
C LEU C 173 37.53 -5.19 16.31
N LEU C 174 37.07 -5.60 15.12
CA LEU C 174 35.76 -6.23 15.01
C LEU C 174 35.61 -7.40 15.98
N LEU C 175 36.60 -8.28 16.01
CA LEU C 175 36.56 -9.47 16.87
C LEU C 175 36.23 -9.16 18.31
N ARG C 176 36.96 -8.19 18.86
CA ARG C 176 36.72 -7.73 20.21
C ARG C 176 35.26 -7.34 20.38
N SER C 177 34.79 -6.47 19.51
CA SER C 177 33.40 -5.99 19.54
C SER C 177 32.40 -7.11 19.73
N TYR C 178 32.70 -8.28 19.17
CA TYR C 178 31.78 -9.42 19.23
C TYR C 178 32.07 -10.35 20.40
N GLN C 179 33.30 -10.28 20.90
CA GLN C 179 33.75 -11.11 22.02
C GLN C 179 32.86 -10.96 23.24
N TYR C 190 22.86 -3.56 16.74
CA TYR C 190 21.82 -4.55 16.47
C TYR C 190 21.74 -4.85 14.97
N THR C 191 21.67 -3.81 14.16
CA THR C 191 21.76 -3.96 12.70
C THR C 191 22.90 -3.10 12.16
N ASP C 192 23.65 -2.48 13.07
CA ASP C 192 24.78 -1.60 12.74
C ASP C 192 26.00 -2.01 13.56
N ASP C 193 27.03 -2.44 12.86
CA ASP C 193 28.25 -2.99 13.45
C ASP C 193 29.08 -1.99 14.19
N ALA C 194 29.26 -0.81 13.59
CA ALA C 194 30.02 0.29 14.18
C ALA C 194 29.63 0.53 15.64
N SER C 195 28.33 0.43 15.92
CA SER C 195 27.83 0.82 17.23
C SER C 195 28.26 -0.20 18.27
N LEU C 196 28.56 -1.42 17.81
CA LEU C 196 29.17 -2.43 18.66
C LEU C 196 30.61 -2.01 19.01
N VAL C 197 31.31 -1.48 18.00
CA VAL C 197 32.68 -1.03 18.16
C VAL C 197 32.73 0.20 19.05
N GLU C 198 31.75 1.06 18.89
CA GLU C 198 31.62 2.25 19.73
C GLU C 198 31.36 1.83 21.17
N HIS C 199 30.56 0.78 21.33
CA HIS C 199 30.30 0.19 22.63
C HIS C 199 31.59 -0.13 23.36
N ILE C 200 32.42 -0.98 22.76
CA ILE C 200 33.69 -1.38 23.37
C ILE C 200 34.64 -0.19 23.51
N GLY C 201 34.32 0.92 22.85
CA GLY C 201 35.09 2.14 23.04
C GLY C 201 35.92 2.57 21.86
N GLY C 202 35.79 1.84 20.77
CA GLY C 202 36.52 2.16 19.54
C GLY C 202 36.06 3.47 18.92
N GLN C 203 36.94 4.05 18.11
CA GLN C 203 36.60 5.26 17.37
C GLN C 203 36.35 4.94 15.90
N VAL C 204 35.30 5.49 15.30
CA VAL C 204 35.07 5.22 13.90
C VAL C 204 35.07 6.44 12.99
N GLN C 205 35.75 6.29 11.88
CA GLN C 205 35.93 7.35 10.92
C GLN C 205 34.82 7.21 9.92
N VAL C 206 34.66 8.23 9.10
CA VAL C 206 33.52 8.29 8.22
C VAL C 206 34.05 8.64 6.84
N VAL C 207 33.41 8.12 5.80
CA VAL C 207 33.74 8.53 4.45
C VAL C 207 32.44 8.83 3.72
N ASP C 208 32.55 9.42 2.55
CA ASP C 208 31.37 9.69 1.75
C ASP C 208 30.76 8.40 1.24
N GLY C 209 29.45 8.28 1.39
CA GLY C 209 28.74 7.17 0.79
C GLY C 209 28.18 7.57 -0.56
N ASP C 210 27.10 6.92 -0.94
CA ASP C 210 26.49 7.23 -2.24
C ASP C 210 25.02 6.85 -2.19
N PRO C 211 24.17 7.68 -2.78
CA PRO C 211 22.74 7.37 -2.88
C PRO C 211 22.45 6.04 -3.56
N LEU C 212 23.28 5.60 -4.52
CA LEU C 212 23.10 4.28 -5.16
C LEU C 212 23.16 3.14 -4.14
N ALA C 213 23.86 3.37 -3.04
CA ALA C 213 24.02 2.37 -1.98
C ALA C 213 22.83 2.29 -1.02
N PHE C 214 21.67 2.76 -1.46
CA PHE C 214 20.50 2.73 -0.59
C PHE C 214 20.08 1.29 -0.32
N LYS C 215 19.52 1.08 0.86
CA LYS C 215 19.05 -0.22 1.30
C LYS C 215 17.69 -0.47 0.67
N ILE C 216 17.67 -1.41 -0.29
CA ILE C 216 16.50 -1.68 -1.09
C ILE C 216 15.52 -2.52 -0.30
N THR C 217 14.52 -1.86 0.25
CA THR C 217 13.72 -2.46 1.32
C THR C 217 12.23 -2.52 0.98
N THR C 218 11.72 -1.46 0.37
CA THR C 218 10.31 -1.33 0.12
C THR C 218 10.02 -1.30 -1.38
N LYS C 219 8.74 -1.37 -1.73
CA LYS C 219 8.33 -1.45 -3.13
C LYS C 219 8.82 -0.22 -3.89
N LEU C 220 8.88 0.90 -3.18
CA LEU C 220 9.33 2.16 -3.74
C LEU C 220 10.84 2.12 -4.05
N ASP C 221 11.61 1.62 -3.09
CA ASP C 221 13.04 1.34 -3.28
C ASP C 221 13.24 0.42 -4.49
N LEU C 222 12.40 -0.61 -4.57
CA LEU C 222 12.46 -1.58 -5.66
C LEU C 222 12.26 -0.89 -7.00
N LEU C 223 11.20 -0.09 -7.05
CA LEU C 223 10.82 0.61 -8.26
C LEU C 223 11.96 1.49 -8.73
N LEU C 224 12.73 1.99 -7.77
CA LEU C 224 13.85 2.85 -8.07
C LEU C 224 15.01 1.98 -8.53
N ALA C 225 15.25 0.92 -7.78
CA ALA C 225 16.27 -0.03 -8.14
C ALA C 225 16.10 -0.34 -9.62
N GLN C 226 14.91 -0.83 -9.99
CA GLN C 226 14.60 -1.17 -11.37
C GLN C 226 14.90 -0.02 -12.30
N ALA C 227 14.42 1.15 -11.94
CA ALA C 227 14.55 2.30 -12.83
C ALA C 227 16.02 2.57 -13.12
N ILE C 228 16.85 2.28 -12.11
CA ILE C 228 18.29 2.45 -12.17
C ILE C 228 18.92 1.37 -13.04
N VAL C 229 18.76 0.13 -12.61
CA VAL C 229 19.38 -1.02 -13.25
C VAL C 229 19.12 -1.07 -14.76
N ARG C 230 17.98 -0.54 -15.17
CA ARG C 230 17.60 -0.62 -16.58
C ARG C 230 17.55 0.76 -17.23
N GLY C 231 18.01 1.78 -16.53
CA GLY C 231 18.10 3.12 -17.10
C GLY C 231 19.00 3.18 -18.31
N GLU D 7 -11.46 28.51 7.86
CA GLU D 7 -10.80 27.94 6.68
C GLU D 7 -9.45 27.23 6.96
N VAL D 8 -9.15 26.20 6.15
CA VAL D 8 -7.80 25.66 6.08
C VAL D 8 -7.14 26.27 4.85
N VAL D 9 -5.98 26.89 5.03
CA VAL D 9 -5.23 27.38 3.89
C VAL D 9 -3.84 26.78 3.88
N ALA D 10 -3.33 26.52 2.69
CA ALA D 10 -2.01 25.95 2.54
C ALA D 10 -1.13 26.92 1.80
N ILE D 11 0.13 26.97 2.20
CA ILE D 11 1.07 27.84 1.55
C ILE D 11 2.09 26.95 0.84
N VAL D 12 2.25 27.17 -0.46
CA VAL D 12 3.33 26.50 -1.14
C VAL D 12 4.36 27.56 -1.50
N PRO D 13 5.46 27.60 -0.74
CA PRO D 13 6.58 28.48 -1.10
C PRO D 13 7.23 27.90 -2.35
N ALA D 14 7.65 28.76 -3.26
CA ALA D 14 8.41 28.32 -4.43
C ALA D 14 9.88 28.24 -4.04
N ALA D 15 10.20 27.32 -3.14
CA ALA D 15 11.51 27.32 -2.48
C ALA D 15 11.65 26.18 -1.46
N PRO D 26 12.75 27.28 -9.12
CA PRO D 26 13.95 26.57 -9.55
C PRO D 26 13.58 25.15 -9.94
N LYS D 27 13.76 24.22 -9.01
CA LYS D 27 13.28 22.85 -9.19
C LYS D 27 11.75 22.81 -9.05
N ALA D 28 11.20 23.71 -8.25
CA ALA D 28 9.75 23.81 -8.09
C ALA D 28 9.06 24.04 -9.43
N PHE D 29 9.81 24.65 -10.36
CA PHE D 29 9.27 24.88 -11.68
C PHE D 29 9.82 23.92 -12.71
N TYR D 30 10.19 22.72 -12.29
CA TYR D 30 10.55 21.68 -13.25
C TYR D 30 9.29 20.94 -13.66
N GLN D 31 9.15 20.70 -14.95
CA GLN D 31 7.98 20.00 -15.48
C GLN D 31 8.18 18.50 -15.46
N LEU D 32 7.65 17.86 -14.43
CA LEU D 32 7.64 16.41 -14.35
C LEU D 32 6.51 15.86 -15.23
N ASP D 33 6.90 15.21 -16.33
CA ASP D 33 5.97 14.57 -17.27
C ASP D 33 4.58 15.21 -17.42
N GLY D 34 4.50 16.41 -17.98
CA GLY D 34 3.21 17.04 -18.17
C GLY D 34 2.89 18.28 -17.33
N GLN D 35 3.30 18.28 -16.05
CA GLN D 35 3.09 19.43 -15.15
C GLN D 35 4.31 19.71 -14.26
N THR D 36 4.54 20.98 -13.96
CA THR D 36 5.60 21.38 -13.01
C THR D 36 5.36 20.80 -11.61
N LEU D 37 6.40 20.83 -10.80
CA LEU D 37 6.33 20.27 -9.46
C LEU D 37 5.33 21.02 -8.58
N ILE D 38 5.38 22.34 -8.65
CA ILE D 38 4.55 23.15 -7.79
C ILE D 38 3.07 22.96 -8.14
N GLU D 39 2.74 23.00 -9.43
CA GLU D 39 1.37 22.73 -9.83
C GLU D 39 0.88 21.37 -9.33
N ARG D 40 1.76 20.38 -9.31
CA ARG D 40 1.43 19.08 -8.72
C ARG D 40 1.19 19.14 -7.22
N ALA D 41 2.06 19.85 -6.51
CA ALA D 41 1.94 19.95 -5.05
C ALA D 41 0.60 20.63 -4.73
N VAL D 42 0.35 21.76 -5.39
CA VAL D 42 -0.93 22.44 -5.28
C VAL D 42 -2.12 21.51 -5.51
N ASP D 43 -2.03 20.63 -6.49
CA ASP D 43 -3.13 19.71 -6.78
C ASP D 43 -3.34 18.71 -5.66
N GLY D 44 -2.24 18.20 -5.12
CA GLY D 44 -2.32 17.25 -4.03
C GLY D 44 -3.09 17.89 -2.88
N LEU D 45 -2.84 19.17 -2.64
CA LEU D 45 -3.56 19.88 -1.59
C LEU D 45 -5.06 20.03 -1.88
N LEU D 46 -5.40 20.51 -3.07
CA LEU D 46 -6.81 20.74 -3.42
C LEU D 46 -7.58 19.43 -3.47
N ASP D 47 -6.95 18.40 -4.00
CA ASP D 47 -7.56 17.10 -4.14
C ASP D 47 -7.75 16.40 -2.79
N SER D 48 -7.12 16.93 -1.74
CA SER D 48 -7.22 16.33 -0.41
C SER D 48 -8.64 16.43 0.16
N GLY D 49 -9.36 17.49 -0.18
CA GLY D 49 -10.71 17.71 0.30
C GLY D 49 -10.82 18.44 1.63
N VAL D 50 -9.68 18.88 2.17
CA VAL D 50 -9.68 19.64 3.42
C VAL D 50 -8.92 20.96 3.31
N VAL D 51 -8.41 21.24 2.12
CA VAL D 51 -7.70 22.51 1.91
C VAL D 51 -8.57 23.48 1.12
N ASP D 52 -9.13 24.46 1.82
CA ASP D 52 -10.06 25.41 1.22
C ASP D 52 -9.37 26.33 0.21
N THR D 53 -8.14 26.73 0.52
CA THR D 53 -7.43 27.70 -0.31
C THR D 53 -5.92 27.43 -0.31
N VAL D 54 -5.32 27.61 -1.46
CA VAL D 54 -3.89 27.50 -1.59
C VAL D 54 -3.26 28.83 -2.01
N VAL D 55 -2.34 29.32 -1.19
CA VAL D 55 -1.53 30.45 -1.57
C VAL D 55 -0.24 29.91 -2.15
N VAL D 56 0.20 30.44 -3.27
CA VAL D 56 1.53 30.15 -3.75
C VAL D 56 2.37 31.36 -3.46
N ALA D 57 3.46 31.19 -2.75
CA ALA D 57 4.27 32.34 -2.37
C ALA D 57 5.62 32.27 -3.06
N VAL D 58 5.97 33.35 -3.74
CA VAL D 58 7.19 33.37 -4.56
C VAL D 58 7.89 34.72 -4.47
N PRO D 59 9.20 34.73 -4.77
CA PRO D 59 9.98 35.97 -4.82
C PRO D 59 9.47 36.86 -5.94
N ALA D 60 9.95 38.10 -6.01
CA ALA D 60 9.52 39.07 -7.01
C ALA D 60 9.16 38.47 -8.37
N ASP D 61 10.17 38.06 -9.12
CA ASP D 61 9.96 37.45 -10.42
C ASP D 61 9.26 36.11 -10.28
N ARG D 62 9.20 35.35 -11.37
CA ARG D 62 8.47 34.10 -11.38
C ARG D 62 6.99 34.36 -11.18
N THR D 63 6.64 35.65 -11.02
CA THR D 63 5.25 36.06 -10.86
C THR D 63 4.43 35.74 -12.13
N ASP D 64 4.94 36.10 -13.29
CA ASP D 64 4.29 35.76 -14.54
C ASP D 64 4.32 34.23 -14.76
N GLU D 65 5.47 33.62 -14.47
CA GLU D 65 5.60 32.17 -14.59
C GLU D 65 4.57 31.45 -13.74
N ALA D 66 4.36 31.94 -12.52
CA ALA D 66 3.41 31.30 -11.62
C ALA D 66 1.99 31.56 -12.08
N ARG D 67 1.74 32.79 -12.51
CA ARG D 67 0.39 33.19 -12.89
C ARG D 67 -0.13 32.38 -14.09
N GLN D 68 0.70 32.20 -15.11
CA GLN D 68 0.31 31.46 -16.30
C GLN D 68 0.22 29.97 -16.00
N ILE D 69 0.93 29.55 -14.95
CA ILE D 69 0.89 28.17 -14.50
C ILE D 69 -0.30 27.93 -13.56
N LEU D 70 -0.51 28.83 -12.60
CA LEU D 70 -1.59 28.69 -11.64
C LEU D 70 -2.73 29.66 -11.91
N GLY D 71 -3.60 29.27 -12.84
CA GLY D 71 -4.69 30.13 -13.33
C GLY D 71 -5.77 30.37 -12.30
N HIS D 72 -5.39 30.95 -11.17
CA HIS D 72 -6.32 31.18 -10.08
C HIS D 72 -6.97 29.86 -9.64
N ARG D 73 -6.21 28.78 -9.70
CA ARG D 73 -6.50 27.60 -8.90
C ARG D 73 -5.85 27.87 -7.54
N ALA D 74 -5.28 29.06 -7.40
CA ALA D 74 -4.56 29.47 -6.22
C ALA D 74 -4.32 30.97 -6.23
N MET D 75 -4.19 31.53 -5.03
CA MET D 75 -3.68 32.87 -4.85
C MET D 75 -2.16 32.86 -5.01
N ILE D 76 -1.60 34.04 -5.22
CA ILE D 76 -0.18 34.21 -5.46
C ILE D 76 0.24 35.41 -4.70
N VAL D 77 1.24 35.24 -3.84
CA VAL D 77 1.82 36.38 -3.20
C VAL D 77 3.28 36.36 -3.62
N ALA D 78 3.79 37.54 -3.97
CA ALA D 78 5.10 37.66 -4.60
C ALA D 78 5.85 38.78 -3.92
N GLY D 79 7.05 38.45 -3.44
CA GLY D 79 7.90 39.38 -2.76
C GLY D 79 8.93 38.57 -2.01
N GLY D 80 10.03 39.24 -1.62
CA GLY D 80 10.98 38.66 -0.72
C GLY D 80 12.05 37.81 -1.38
N SER D 81 13.16 37.67 -0.68
CA SER D 81 14.21 36.74 -1.06
C SER D 81 14.23 35.68 0.00
N ASN D 82 14.53 34.45 -0.38
CA ASN D 82 14.56 33.36 0.58
C ASN D 82 13.17 32.95 1.09
N ARG D 83 13.00 31.65 1.23
CA ARG D 83 11.75 31.05 1.66
C ARG D 83 11.08 31.79 2.82
N THR D 84 11.85 32.06 3.88
CA THR D 84 11.27 32.64 5.09
C THR D 84 10.62 33.97 4.76
N ASP D 85 11.32 34.81 4.03
CA ASP D 85 10.77 36.12 3.70
C ASP D 85 9.42 36.00 2.95
N THR D 86 9.31 35.02 2.06
CA THR D 86 8.09 34.90 1.28
C THR D 86 6.94 34.30 2.09
N VAL D 87 7.23 33.30 2.91
CA VAL D 87 6.23 32.75 3.82
C VAL D 87 5.62 33.83 4.73
N ASN D 88 6.46 34.63 5.37
CA ASN D 88 6.04 35.81 6.10
C ASN D 88 4.96 36.62 5.39
N LEU D 89 5.27 37.01 4.15
CA LEU D 89 4.40 37.87 3.38
C LEU D 89 3.04 37.25 3.22
N ALA D 90 3.07 35.97 2.89
CA ALA D 90 1.88 35.21 2.68
C ALA D 90 1.15 35.20 4.02
N LEU D 91 1.93 35.15 5.06
CA LEU D 91 1.41 35.11 6.41
C LEU D 91 0.63 36.39 6.75
N THR D 92 1.17 37.55 6.39
CA THR D 92 0.49 38.80 6.76
C THR D 92 -0.69 39.08 5.83
N VAL D 93 -0.46 38.90 4.53
CA VAL D 93 -1.56 38.81 3.58
C VAL D 93 -2.34 37.70 4.24
N LEU D 94 -3.66 37.74 4.25
CA LEU D 94 -4.33 36.51 4.69
C LEU D 94 -4.57 36.36 6.21
N SER D 95 -3.65 36.87 7.02
CA SER D 95 -3.99 37.12 8.42
C SER D 95 -5.09 38.19 8.46
N GLY D 96 -5.84 38.27 9.56
CA GLY D 96 -6.83 39.33 9.77
C GLY D 96 -8.30 39.04 9.49
N THR D 97 -8.99 39.98 8.84
CA THR D 97 -10.42 39.86 8.49
C THR D 97 -10.81 38.46 8.00
N ALA D 98 -9.91 37.83 7.27
CA ALA D 98 -10.21 36.52 6.70
C ALA D 98 -9.14 35.51 7.09
N GLU D 99 -8.77 35.55 8.37
CA GLU D 99 -7.78 34.66 8.93
C GLU D 99 -8.32 33.23 8.99
N PRO D 100 -7.60 32.28 8.40
CA PRO D 100 -7.99 30.86 8.44
C PRO D 100 -7.95 30.39 9.86
N GLU D 101 -8.46 29.20 10.13
CA GLU D 101 -8.32 28.63 11.45
C GLU D 101 -6.97 27.89 11.51
N PHE D 102 -6.59 27.33 10.36
CA PHE D 102 -5.39 26.52 10.22
C PHE D 102 -4.61 26.84 8.95
N VAL D 103 -3.29 26.87 9.06
CA VAL D 103 -2.42 27.10 7.94
C VAL D 103 -1.53 25.87 7.75
N LEU D 104 -1.48 25.34 6.53
CA LEU D 104 -0.51 24.31 6.21
C LEU D 104 0.59 24.94 5.38
N VAL D 105 1.82 24.47 5.58
CA VAL D 105 2.92 24.90 4.75
C VAL D 105 3.49 23.67 4.06
N HIS D 106 3.50 23.69 2.73
CA HIS D 106 3.90 22.53 1.95
C HIS D 106 5.05 22.84 1.00
N ASP D 107 5.98 21.91 0.85
CA ASP D 107 7.13 22.14 -0.01
C ASP D 107 6.83 21.65 -1.43
N ALA D 108 7.14 22.50 -2.40
CA ALA D 108 6.79 22.26 -3.80
C ALA D 108 7.38 20.99 -4.38
N ALA D 109 8.59 20.66 -3.97
CA ALA D 109 9.26 19.46 -4.44
C ALA D 109 8.67 18.14 -3.91
N ARG D 110 7.78 18.21 -2.92
CA ARG D 110 7.07 17.00 -2.52
C ARG D 110 5.83 16.82 -3.40
N ALA D 111 6.06 16.86 -4.70
CA ALA D 111 4.97 16.83 -5.69
C ALA D 111 4.08 15.59 -5.61
N LEU D 112 4.64 14.45 -5.24
CA LEU D 112 3.85 13.20 -5.25
C LEU D 112 3.19 12.91 -3.90
N THR D 113 3.10 13.92 -3.05
CA THR D 113 2.47 13.71 -1.74
C THR D 113 1.02 13.25 -1.91
N PRO D 114 0.65 12.17 -1.20
CA PRO D 114 -0.74 11.71 -1.18
C PRO D 114 -1.71 12.73 -0.56
N PRO D 115 -2.85 12.97 -1.21
CA PRO D 115 -3.90 13.76 -0.55
C PRO D 115 -4.32 13.17 0.80
N ALA D 116 -4.44 11.86 0.92
CA ALA D 116 -4.74 11.26 2.23
C ALA D 116 -3.82 11.80 3.32
N LEU D 117 -2.51 11.91 3.02
CA LEU D 117 -1.55 12.38 4.03
C LEU D 117 -1.91 13.77 4.49
N VAL D 118 -2.32 14.61 3.54
CA VAL D 118 -2.82 15.96 3.84
C VAL D 118 -4.06 15.93 4.77
N ALA D 119 -4.98 15.00 4.54
CA ALA D 119 -6.17 14.93 5.37
C ALA D 119 -5.81 14.59 6.81
N ARG D 120 -4.91 13.63 6.96
CA ARG D 120 -4.42 13.18 8.25
C ARG D 120 -3.84 14.35 9.07
N VAL D 121 -3.11 15.22 8.39
CA VAL D 121 -2.55 16.40 9.04
C VAL D 121 -3.66 17.34 9.51
N VAL D 122 -4.73 17.45 8.72
CA VAL D 122 -5.81 18.36 9.07
C VAL D 122 -6.63 17.78 10.21
N GLU D 123 -6.92 16.48 10.11
CA GLU D 123 -7.68 15.81 11.16
C GLU D 123 -7.03 16.09 12.52
N ALA D 124 -5.72 15.87 12.60
CA ALA D 124 -5.00 16.06 13.86
C ALA D 124 -5.22 17.49 14.40
N LEU D 125 -5.28 18.44 13.49
CA LEU D 125 -5.53 19.82 13.88
C LEU D 125 -6.94 19.98 14.43
N ARG D 126 -7.94 19.39 13.77
CA ARG D 126 -9.30 19.50 14.26
C ARG D 126 -9.46 18.80 15.62
N ASP D 127 -8.56 17.88 15.89
CA ASP D 127 -8.48 17.20 17.18
C ASP D 127 -7.91 18.10 18.29
N GLY D 128 -7.43 19.28 17.93
CA GLY D 128 -6.94 20.21 18.94
C GLY D 128 -5.44 20.25 19.13
N TYR D 129 -4.70 19.62 18.23
CA TYR D 129 -3.25 19.70 18.23
C TYR D 129 -2.80 20.98 17.55
N ALA D 130 -2.12 21.84 18.31
CA ALA D 130 -1.77 23.18 17.83
C ALA D 130 -0.87 23.14 16.60
N ALA D 131 -0.12 22.05 16.46
CA ALA D 131 0.89 21.92 15.41
C ALA D 131 1.14 20.46 15.10
N VAL D 132 1.21 20.12 13.81
CA VAL D 132 1.30 18.72 13.38
C VAL D 132 2.29 18.53 12.23
N VAL D 133 3.09 17.47 12.30
CA VAL D 133 3.98 17.14 11.20
C VAL D 133 3.85 15.66 10.80
N PRO D 134 3.88 15.37 9.50
CA PRO D 134 3.84 13.97 9.04
C PRO D 134 5.25 13.44 9.06
N VAL D 135 5.37 12.17 9.41
CA VAL D 135 6.62 11.61 9.86
C VAL D 135 6.83 10.17 9.34
N LEU D 136 8.08 9.80 9.07
CA LEU D 136 8.41 8.43 8.71
C LEU D 136 9.51 7.88 9.60
N PRO D 137 9.57 6.55 9.76
CA PRO D 137 10.76 6.01 10.44
C PRO D 137 12.01 6.15 9.56
N LEU D 138 13.17 5.99 10.20
CA LEU D 138 14.46 6.05 9.52
C LEU D 138 14.82 4.68 8.99
N SER D 139 15.13 4.60 7.69
CA SER D 139 15.72 3.37 7.18
C SER D 139 17.20 3.26 7.51
N ASP D 140 17.99 4.30 7.27
CA ASP D 140 19.41 4.18 7.60
C ASP D 140 19.62 4.35 9.10
N THR D 141 20.71 3.80 9.61
CA THR D 141 21.12 4.12 10.96
C THR D 141 21.62 5.55 10.94
N ILE D 142 21.26 6.30 11.96
CA ILE D 142 21.72 7.68 12.10
C ILE D 142 22.90 7.76 13.09
N LYS D 143 23.94 8.51 12.72
CA LYS D 143 25.05 8.78 13.63
C LYS D 143 25.36 10.25 13.66
N ALA D 144 25.87 10.69 14.82
CA ALA D 144 26.31 12.06 14.97
C ALA D 144 27.78 12.10 14.62
N VAL D 145 28.15 12.97 13.68
CA VAL D 145 29.51 13.03 13.18
C VAL D 145 30.12 14.42 13.37
N ASP D 146 31.41 14.47 13.71
CA ASP D 146 32.08 15.76 13.93
C ASP D 146 32.68 16.31 12.63
N ALA D 147 33.24 17.53 12.67
CA ALA D 147 33.67 18.19 11.44
C ALA D 147 34.85 17.48 10.77
N ASN D 148 35.55 16.65 11.53
CA ASN D 148 36.65 15.84 10.98
C ASN D 148 36.24 14.39 10.67
N GLY D 149 34.93 14.16 10.48
CA GLY D 149 34.42 12.85 10.16
C GLY D 149 34.57 11.77 11.22
N VAL D 150 34.72 12.18 12.48
CA VAL D 150 34.73 11.21 13.58
C VAL D 150 33.35 11.12 14.21
N VAL D 151 32.85 9.89 14.29
CA VAL D 151 31.54 9.59 14.86
C VAL D 151 31.46 9.94 16.33
N LEU D 152 30.49 10.79 16.66
CA LEU D 152 30.27 11.27 18.02
C LEU D 152 29.48 10.25 18.85
N GLY D 153 28.69 9.45 18.18
CA GLY D 153 27.86 8.48 18.86
C GLY D 153 26.63 8.14 18.04
N THR D 154 25.93 7.10 18.47
CA THR D 154 24.75 6.62 17.75
C THR D 154 23.49 6.76 18.57
N PRO D 155 22.66 7.76 18.21
CA PRO D 155 21.36 7.96 18.87
C PRO D 155 20.44 6.78 18.62
N GLU D 156 19.58 6.49 19.58
CA GLU D 156 18.59 5.45 19.46
C GLU D 156 17.71 5.71 18.21
N ARG D 157 17.62 4.73 17.32
CA ARG D 157 16.84 4.87 16.10
C ARG D 157 15.36 5.07 16.41
N ALA D 158 14.84 4.28 17.35
CA ALA D 158 13.52 4.55 17.91
C ALA D 158 13.65 5.91 18.59
N GLY D 159 12.66 6.76 18.51
CA GLY D 159 12.83 8.08 19.07
C GLY D 159 13.21 9.11 18.02
N LEU D 160 13.84 8.66 16.94
CA LEU D 160 14.12 9.56 15.82
C LEU D 160 13.13 9.38 14.67
N ARG D 161 12.79 10.49 14.02
CA ARG D 161 11.91 10.44 12.84
C ARG D 161 12.34 11.39 11.72
N ALA D 162 12.13 10.96 10.48
CA ALA D 162 12.29 11.88 9.36
C ALA D 162 10.95 12.59 9.21
N VAL D 163 10.99 13.88 8.94
CA VAL D 163 9.78 14.66 8.92
C VAL D 163 9.46 15.19 7.52
N GLN D 164 8.16 15.26 7.22
CA GLN D 164 7.78 15.71 5.90
C GLN D 164 6.90 16.95 5.99
N THR D 165 6.29 17.32 4.87
CA THR D 165 5.28 18.37 4.84
C THR D 165 4.12 17.70 4.14
N PRO D 166 2.94 18.34 4.13
CA PRO D 166 2.67 19.66 4.68
C PRO D 166 2.69 19.62 6.18
N GLN D 167 3.19 20.71 6.75
CA GLN D 167 3.15 20.86 8.16
C GLN D 167 1.98 21.77 8.51
N GLY D 168 1.27 21.45 9.58
CA GLY D 168 0.05 22.16 9.92
C GLY D 168 0.05 22.87 11.26
N PHE D 169 -0.45 24.09 11.29
CA PHE D 169 -0.46 24.86 12.54
C PHE D 169 -1.77 25.61 12.71
N THR D 170 -2.15 25.90 13.96
CA THR D 170 -3.13 26.94 14.19
C THR D 170 -2.47 28.22 13.70
N THR D 171 -3.11 28.90 12.78
CA THR D 171 -2.51 30.07 12.17
C THR D 171 -1.91 30.94 13.28
N ASP D 172 -2.62 31.01 14.39
CA ASP D 172 -2.19 31.79 15.51
C ASP D 172 -0.74 31.51 15.94
N LEU D 173 -0.52 30.29 16.37
CA LEU D 173 0.81 29.76 16.68
C LEU D 173 1.87 30.03 15.58
N LEU D 174 1.58 29.66 14.32
CA LEU D 174 2.54 29.88 13.23
C LEU D 174 2.83 31.37 13.06
N LEU D 175 1.83 32.20 13.30
CA LEU D 175 2.03 33.65 13.25
C LEU D 175 3.09 34.12 14.25
N ARG D 176 2.94 33.73 15.52
CA ARG D 176 3.93 34.06 16.54
C ARG D 176 5.32 33.50 16.17
N SER D 177 5.36 32.28 15.65
CA SER D 177 6.63 31.63 15.39
C SER D 177 7.38 32.39 14.32
N TYR D 178 6.64 33.02 13.42
CA TYR D 178 7.27 33.71 12.31
C TYR D 178 7.64 35.16 12.56
N GLN D 179 6.82 35.88 13.31
CA GLN D 179 7.10 37.28 13.59
C GLN D 179 7.93 37.42 14.86
N ARG D 180 9.01 36.65 14.91
CA ARG D 180 9.93 36.66 16.05
C ARG D 180 11.27 37.30 15.67
N THR D 191 14.60 26.04 7.33
CA THR D 191 13.66 25.40 6.41
C THR D 191 12.42 24.83 7.11
N ASP D 192 12.63 24.09 8.20
CA ASP D 192 11.55 23.43 8.93
C ASP D 192 10.71 24.45 9.71
N ASP D 193 9.44 24.59 9.34
CA ASP D 193 8.54 25.56 9.96
C ASP D 193 8.15 25.12 11.35
N ALA D 194 8.12 23.82 11.58
CA ALA D 194 7.72 23.30 12.88
C ALA D 194 8.79 23.64 13.91
N SER D 195 10.06 23.62 13.51
CA SER D 195 11.13 23.88 14.45
C SER D 195 11.14 25.34 14.93
N LEU D 196 10.49 26.24 14.19
CA LEU D 196 10.25 27.62 14.64
C LEU D 196 9.23 27.61 15.75
N VAL D 197 8.13 26.92 15.48
CA VAL D 197 7.04 26.75 16.43
C VAL D 197 7.57 26.08 17.70
N GLU D 198 8.60 25.26 17.53
CA GLU D 198 9.25 24.58 18.65
C GLU D 198 10.04 25.58 19.48
N HIS D 199 10.67 26.52 18.78
CA HIS D 199 11.55 27.47 19.45
C HIS D 199 10.81 28.42 20.39
N ILE D 200 9.55 28.73 20.07
CA ILE D 200 8.72 29.57 20.95
C ILE D 200 7.82 28.80 21.91
N GLY D 201 8.09 27.52 22.13
CA GLY D 201 7.33 26.74 23.09
C GLY D 201 6.06 26.08 22.56
N GLY D 202 5.85 26.16 21.25
CA GLY D 202 4.75 25.44 20.63
C GLY D 202 5.04 23.94 20.68
N GLN D 203 4.04 23.15 21.03
CA GLN D 203 4.23 21.71 21.05
C GLN D 203 3.71 21.11 19.75
N VAL D 204 4.53 20.28 19.11
CA VAL D 204 4.07 19.67 17.88
C VAL D 204 3.80 18.18 18.01
N GLN D 205 2.68 17.77 17.44
CA GLN D 205 2.26 16.39 17.44
C GLN D 205 2.61 15.79 16.09
N VAL D 206 2.71 14.47 16.03
CA VAL D 206 3.18 13.80 14.83
C VAL D 206 2.07 12.91 14.27
N VAL D 207 1.98 12.85 12.94
CA VAL D 207 1.15 11.85 12.27
C VAL D 207 2.03 11.11 11.26
N ASP D 208 1.62 9.90 10.92
CA ASP D 208 2.30 9.12 9.89
C ASP D 208 2.33 9.92 8.61
N GLY D 209 3.47 9.91 7.93
CA GLY D 209 3.56 10.46 6.60
C GLY D 209 3.46 9.33 5.58
N ASP D 210 4.06 9.55 4.42
CA ASP D 210 4.08 8.57 3.35
C ASP D 210 5.34 8.69 2.54
N PRO D 211 5.99 7.57 2.24
CA PRO D 211 7.22 7.63 1.46
C PRO D 211 7.01 8.31 0.11
N LEU D 212 5.79 8.31 -0.43
CA LEU D 212 5.52 9.06 -1.68
C LEU D 212 5.75 10.57 -1.49
N ALA D 213 5.66 11.05 -0.25
CA ALA D 213 5.86 12.48 0.00
C ALA D 213 7.34 12.87 -0.05
N PHE D 214 8.18 12.00 -0.61
CA PHE D 214 9.60 12.31 -0.70
C PHE D 214 9.82 13.65 -1.38
N LYS D 215 10.93 14.28 -1.04
CA LYS D 215 11.21 15.59 -1.59
C LYS D 215 12.09 15.38 -2.81
N ILE D 216 11.73 16.04 -3.90
CA ILE D 216 12.34 15.72 -5.19
C ILE D 216 13.48 16.68 -5.48
N THR D 217 14.71 16.17 -5.38
CA THR D 217 15.88 17.03 -5.38
C THR D 217 17.00 16.55 -6.31
N THR D 218 17.33 15.27 -6.25
CA THR D 218 18.42 14.73 -7.04
C THR D 218 17.86 14.10 -8.31
N LYS D 219 18.73 13.89 -9.30
CA LYS D 219 18.32 13.24 -10.54
C LYS D 219 17.72 11.91 -10.15
N LEU D 220 18.35 11.27 -9.19
CA LEU D 220 17.81 10.05 -8.65
C LEU D 220 16.36 10.20 -8.15
N ASP D 221 16.06 11.27 -7.41
CA ASP D 221 14.68 11.53 -6.97
C ASP D 221 13.76 11.60 -8.17
N LEU D 222 14.17 12.38 -9.14
CA LEU D 222 13.40 12.55 -10.35
C LEU D 222 13.10 11.22 -11.01
N LEU D 223 14.14 10.42 -11.20
CA LEU D 223 13.97 9.12 -11.83
C LEU D 223 12.85 8.36 -11.11
N LEU D 224 12.87 8.42 -9.78
CA LEU D 224 11.84 7.80 -8.95
C LEU D 224 10.47 8.44 -9.19
N ALA D 225 10.43 9.78 -9.11
CA ALA D 225 9.23 10.53 -9.51
C ALA D 225 8.68 9.98 -10.84
N GLN D 226 9.46 10.06 -11.91
CA GLN D 226 8.99 9.60 -13.22
C GLN D 226 8.38 8.21 -13.11
N ALA D 227 9.16 7.27 -12.59
CA ALA D 227 8.69 5.90 -12.48
C ALA D 227 7.35 5.81 -11.77
N ILE D 228 7.09 6.76 -10.87
CA ILE D 228 5.85 6.72 -10.09
C ILE D 228 4.67 7.17 -10.94
N VAL D 229 4.69 8.43 -11.37
CA VAL D 229 3.60 8.99 -12.17
C VAL D 229 3.26 8.16 -13.43
N ARG D 230 4.27 7.83 -14.23
CA ARG D 230 4.01 7.11 -15.46
C ARG D 230 4.04 5.60 -15.24
N GLY D 231 4.28 5.18 -14.00
CA GLY D 231 4.34 3.77 -13.71
C GLY D 231 3.01 3.09 -13.96
N UNK E 1 4.40 42.85 -1.73
CA UNK E 1 4.37 43.83 -2.82
C UNK E 1 3.32 43.49 -3.88
N UNK E 2 3.11 42.19 -4.15
CA UNK E 2 2.11 41.81 -5.16
C UNK E 2 1.20 40.66 -4.73
N UNK E 3 -0.09 40.77 -5.03
CA UNK E 3 -1.00 39.77 -4.58
C UNK E 3 -2.17 39.57 -5.51
N UNK E 4 -2.33 38.32 -5.91
CA UNK E 4 -3.47 37.88 -6.70
C UNK E 4 -3.86 36.52 -6.13
N UNK E 5 -5.12 36.31 -5.75
CA UNK E 5 -6.25 37.10 -6.15
C UNK E 5 -7.35 36.11 -5.97
N UNK E 6 -7.75 35.56 -7.11
CA UNK E 6 -8.66 34.42 -7.22
C UNK E 6 -10.08 34.75 -6.80
N UNK E 7 -10.36 34.59 -5.50
CA UNK E 7 -11.71 34.77 -4.98
C UNK E 7 -11.73 35.71 -3.78
#